data_6A6G
#
_entry.id   6A6G
#
_cell.length_a   75.265
_cell.length_b   76.969
_cell.length_c   192.520
_cell.angle_alpha   90.00
_cell.angle_beta   90.00
_cell.angle_gamma   90.00
#
_symmetry.space_group_name_H-M   'P 21 21 21'
#
loop_
_entity.id
_entity.type
_entity.pdbx_description
1 polymer 'Cysteine desulfurase'
2 polymer 'Iron-sulfur cluster assembly scaffold protein NifU'
3 non-polymer "PYRIDOXAL-5'-PHOSPHATE"
4 non-polymer DI(HYDROXYETHYL)ETHER
5 non-polymer GLYCEROL
6 non-polymer 'ZINC ION'
7 water water
#
loop_
_entity_poly.entity_id
_entity_poly.type
_entity_poly.pdbx_seq_one_letter_code
_entity_poly.pdbx_strand_id
1 'polypeptide(L)'
;SSGHMRSTVFSDEEFSNILNDFPALKRNINGKRLVYLDNAASTLKCKSVIEKMTDFYLYHYSNIHRAVHTLASEATVAYE
QAREKVANFLNASSEEIIFTSGTTMGINFLVNSLAKSGILKTEDTVLISQVEHHANLVPWVRLSKFYGFKVAYITADEKG
VITNESILKTKESIPNPKVVSITGQSNVTGQEMPIELIRETFKNATLIVDGAQLVPHKKVDVKKLDVDFLVFSGHKILGP
TGIGVLYGKKALLEQLEPFLYGGEMIDKVTFEDVTFNVLPYRFEAGTQHITGAVGLGYTIDYLESIGFEKVEKHVEELSN
YLLEKMMELDFVEVYGPIDSSHKSLVSFNVKGVHPHDVSHILDENFGVATRSGHH(CSS)AQPLMGVLAKGSKIDFPNST
VRASVYLYNTKEDIDVLIEGLKYIRRWFE
;
A,B
2 'polypeptide(L)'
;GSHMIYSEFIMDYSKLKKFHGKIENAHKVEEGKNLS(CSS)GDEVTLYFLFDGDKIVDVKFEGHGCAISQASTNVMIEQI
IGKTKQEALEMMKNAENMMLGKEFDENVLGPIINFYDVKNYPMRVKCFLLPWKTLEIALKNE
;
C,D
#
loop_
_chem_comp.id
_chem_comp.type
_chem_comp.name
_chem_comp.formula
GOL non-polymer GLYCEROL 'C3 H8 O3'
PEG non-polymer DI(HYDROXYETHYL)ETHER 'C4 H10 O3'
PLP non-polymer PYRIDOXAL-5'-PHOSPHATE 'C8 H10 N O6 P'
ZN non-polymer 'ZINC ION' 'Zn 2'
#
# COMPACT_ATOMS: atom_id res chain seq x y z
N MET A 5 -2.18 31.83 -20.81
CA MET A 5 -3.63 32.13 -20.94
C MET A 5 -4.27 31.31 -22.07
N ARG A 6 -5.22 31.91 -22.81
CA ARG A 6 -5.94 31.25 -23.90
C ARG A 6 -6.83 30.14 -23.37
N SER A 7 -7.60 30.49 -22.35
CA SER A 7 -8.49 29.57 -21.66
C SER A 7 -9.86 30.16 -21.66
N THR A 8 -10.87 29.35 -21.96
CA THR A 8 -12.25 29.75 -21.83
C THR A 8 -12.79 29.48 -20.43
N VAL A 9 -11.97 28.93 -19.55
CA VAL A 9 -12.41 28.42 -18.25
C VAL A 9 -11.82 29.21 -17.07
N PHE A 10 -10.56 29.61 -17.15
CA PHE A 10 -9.90 30.32 -16.06
C PHE A 10 -9.40 31.64 -16.58
N SER A 11 -9.61 32.67 -15.78
CA SER A 11 -9.00 33.95 -16.02
C SER A 11 -7.50 33.84 -15.85
N ASP A 12 -6.77 34.77 -16.46
CA ASP A 12 -5.32 34.81 -16.37
C ASP A 12 -4.81 34.72 -14.92
N GLU A 13 -5.46 35.43 -14.01
CA GLU A 13 -5.03 35.54 -12.64
C GLU A 13 -5.33 34.22 -11.86
N GLU A 14 -6.52 33.68 -12.07
CA GLU A 14 -6.94 32.44 -11.41
C GLU A 14 -6.00 31.27 -11.82
N PHE A 15 -5.76 31.14 -13.11
CA PHE A 15 -4.89 30.11 -13.68
C PHE A 15 -3.46 30.26 -13.15
N SER A 16 -3.01 31.48 -13.10
CA SER A 16 -1.67 31.79 -12.66
C SER A 16 -1.49 31.36 -11.19
N ASN A 17 -2.52 31.53 -10.34
CA ASN A 17 -2.47 31.08 -8.94
C ASN A 17 -2.39 29.54 -8.87
N ILE A 18 -3.11 28.88 -9.76
CA ILE A 18 -3.06 27.43 -9.85
C ILE A 18 -1.65 26.93 -10.20
N LEU A 19 -1.03 27.50 -11.21
CA LEU A 19 0.28 27.03 -11.62
C LEU A 19 1.25 27.22 -10.52
N ASN A 20 1.12 28.28 -9.74
CA ASN A 20 2.09 28.54 -8.69
C ASN A 20 1.94 27.61 -7.47
N ASP A 21 0.82 26.91 -7.34
CA ASP A 21 0.70 25.87 -6.31
C ASP A 21 1.63 24.65 -6.58
N PHE A 22 2.20 24.50 -7.78
CA PHE A 22 2.97 23.33 -8.15
C PHE A 22 4.41 23.71 -8.37
N PRO A 23 5.25 23.63 -7.31
CA PRO A 23 6.64 24.07 -7.43
C PRO A 23 7.43 23.37 -8.50
N ALA A 24 7.07 22.13 -8.83
CA ALA A 24 7.78 21.37 -9.87
C ALA A 24 7.85 22.17 -11.16
N LEU A 25 6.84 22.99 -11.43
CA LEU A 25 6.80 23.70 -12.69
C LEU A 25 7.88 24.81 -12.78
N LYS A 26 8.59 25.09 -11.68
CA LYS A 26 9.59 26.17 -11.66
C LYS A 26 10.92 25.59 -12.07
N ARG A 27 11.00 24.28 -12.21
CA ARG A 27 12.23 23.66 -12.62
C ARG A 27 12.53 23.82 -14.10
N ASN A 28 13.82 23.85 -14.39
CA ASN A 28 14.34 24.04 -15.71
C ASN A 28 15.18 22.85 -16.12
N ILE A 29 15.13 22.51 -17.39
CA ILE A 29 15.94 21.39 -17.95
C ILE A 29 16.71 21.98 -19.11
N ASN A 30 18.02 22.05 -18.94
CA ASN A 30 18.92 22.64 -19.93
C ASN A 30 18.37 23.96 -20.41
N GLY A 31 18.07 24.82 -19.45
CA GLY A 31 17.59 26.15 -19.74
C GLY A 31 16.11 26.30 -19.99
N LYS A 32 15.38 25.21 -20.23
CA LYS A 32 13.92 25.32 -20.51
C LYS A 32 12.99 24.86 -19.38
N ARG A 33 11.88 25.55 -19.23
CA ARG A 33 10.91 25.24 -18.19
C ARG A 33 10.34 23.84 -18.39
N LEU A 34 10.07 23.15 -17.30
CA LEU A 34 9.43 21.86 -17.37
C LEU A 34 8.06 21.99 -18.01
N VAL A 35 7.84 21.18 -19.04
CA VAL A 35 6.52 20.95 -19.66
C VAL A 35 6.10 19.52 -19.37
N TYR A 36 5.26 19.34 -18.35
CA TYR A 36 4.95 18.03 -17.83
C TYR A 36 3.73 17.46 -18.53
N LEU A 37 3.95 16.54 -19.46
CA LEU A 37 2.86 15.95 -20.22
C LEU A 37 2.84 14.42 -20.01
N ASP A 38 3.09 13.99 -18.78
CA ASP A 38 3.09 12.55 -18.46
C ASP A 38 2.12 12.26 -17.31
N ASN A 39 1.05 13.05 -17.31
CA ASN A 39 0.08 13.06 -16.25
C ASN A 39 -0.66 11.73 -16.18
N ALA A 40 -0.86 11.08 -17.31
CA ALA A 40 -1.46 9.75 -17.35
C ALA A 40 -0.69 8.67 -16.58
N ALA A 41 0.55 8.96 -16.18
CA ALA A 41 1.35 8.05 -15.34
C ALA A 41 1.27 8.47 -13.91
N SER A 42 1.31 9.78 -13.69
CA SER A 42 1.21 10.37 -12.36
C SER A 42 1.26 11.88 -12.48
N THR A 43 0.84 12.55 -11.43
CA THR A 43 0.64 13.95 -11.48
C THR A 43 1.55 14.62 -10.47
N LEU A 44 1.87 15.87 -10.74
CA LEU A 44 2.66 16.71 -9.84
C LEU A 44 1.82 17.04 -8.61
N LYS A 45 2.47 17.41 -7.53
CA LYS A 45 1.78 17.67 -6.28
C LYS A 45 1.71 19.13 -5.93
N CYS A 46 0.62 19.46 -5.29
CA CYS A 46 0.29 20.80 -4.84
C CYS A 46 0.92 21.15 -3.46
N LYS A 47 1.55 22.31 -3.35
CA LYS A 47 2.18 22.70 -2.10
C LYS A 47 1.21 22.69 -0.90
N SER A 48 0.04 23.28 -1.07
CA SER A 48 -0.92 23.36 0.02
C SER A 48 -1.32 21.98 0.54
N VAL A 49 -1.54 21.03 -0.36
CA VAL A 49 -1.89 19.71 0.07
C VAL A 49 -0.74 19.03 0.84
N ILE A 50 0.51 19.17 0.37
CA ILE A 50 1.66 18.57 1.04
C ILE A 50 1.93 19.23 2.40
N GLU A 51 1.79 20.55 2.49
CA GLU A 51 1.97 21.24 3.78
C GLU A 51 0.97 20.71 4.81
N LYS A 52 -0.22 20.38 4.36
CA LYS A 52 -1.21 19.85 5.26
C LYS A 52 -0.87 18.43 5.71
N MET A 53 -0.17 17.66 4.88
CA MET A 53 0.25 16.31 5.24
C MET A 53 1.42 16.38 6.23
N THR A 54 2.24 17.39 6.06
CA THR A 54 3.40 17.60 6.91
C THR A 54 2.92 17.87 8.31
N ASP A 55 1.94 18.74 8.40
CA ASP A 55 1.35 19.13 9.65
C ASP A 55 0.75 17.89 10.31
N PHE A 56 -0.01 17.14 9.54
CA PHE A 56 -0.56 15.90 10.04
C PHE A 56 0.53 14.95 10.62
N TYR A 57 1.58 14.71 9.84
CA TYR A 57 2.63 13.77 10.20
C TYR A 57 3.35 14.16 11.49
N LEU A 58 3.53 15.48 11.66
CA LEU A 58 4.40 16.04 12.65
C LEU A 58 3.70 16.41 13.93
N TYR A 59 2.40 16.72 13.86
CA TYR A 59 1.63 17.20 15.02
C TYR A 59 0.38 16.41 15.35
N HIS A 60 -0.13 15.59 14.43
CA HIS A 60 -1.39 14.89 14.72
C HIS A 60 -1.37 13.40 14.48
N TYR A 61 -0.20 12.84 14.37
CA TYR A 61 -0.03 11.48 13.95
C TYR A 61 -0.08 10.49 15.13
N SER A 62 -0.83 9.41 14.92
CA SER A 62 -0.74 8.15 15.69
C SER A 62 -1.45 7.09 14.89
N ASN A 63 -1.38 5.86 15.35
CA ASN A 63 -2.17 4.82 14.74
C ASN A 63 -3.65 4.97 15.12
N ILE A 64 -4.55 4.28 14.44
CA ILE A 64 -5.95 4.70 14.48
C ILE A 64 -6.88 3.63 14.98
N HIS A 65 -8.07 4.05 15.41
CA HIS A 65 -9.18 3.17 15.80
C HIS A 65 -9.13 2.53 17.17
N ARG A 66 -7.94 2.15 17.65
CA ARG A 66 -7.80 1.23 18.80
C ARG A 66 -7.17 1.88 20.06
N ALA A 67 -7.29 3.19 20.22
CA ALA A 67 -6.74 3.86 21.37
C ALA A 67 -7.54 5.09 21.71
N VAL A 68 -7.40 5.53 22.94
CA VAL A 68 -8.23 6.59 23.45
C VAL A 68 -7.46 7.86 23.73
N HIS A 69 -6.15 7.87 23.51
CA HIS A 69 -5.34 9.06 23.79
C HIS A 69 -5.44 10.15 22.67
N THR A 70 -4.99 11.36 22.99
CA THR A 70 -5.28 12.55 22.19
C THR A 70 -4.93 12.40 20.71
N LEU A 71 -3.71 11.99 20.41
CA LEU A 71 -3.28 11.88 19.03
C LEU A 71 -4.00 10.75 18.30
N ALA A 72 -4.20 9.62 18.96
CA ALA A 72 -4.94 8.53 18.32
C ALA A 72 -6.36 9.00 17.88
N SER A 73 -6.93 9.87 18.69
CA SER A 73 -8.25 10.42 18.40
C SER A 73 -8.27 11.41 17.24
N GLU A 74 -7.31 12.31 17.22
CA GLU A 74 -7.23 13.28 16.17
C GLU A 74 -6.97 12.56 14.85
N ALA A 75 -6.04 11.59 14.87
CA ALA A 75 -5.71 10.90 13.66
C ALA A 75 -6.85 10.03 13.18
N THR A 76 -7.62 9.42 14.08
CA THR A 76 -8.77 8.57 13.71
C THR A 76 -9.90 9.40 13.11
N VAL A 77 -10.19 10.53 13.73
CA VAL A 77 -11.15 11.51 13.19
C VAL A 77 -10.70 12.00 11.80
N ALA A 78 -9.44 12.38 11.66
CA ALA A 78 -8.93 12.83 10.40
C ALA A 78 -9.14 11.78 9.30
N TYR A 79 -8.89 10.52 9.64
CA TYR A 79 -8.91 9.44 8.69
C TYR A 79 -10.28 9.16 8.23
N GLU A 80 -11.19 9.06 9.18
CA GLU A 80 -12.60 8.80 8.86
C GLU A 80 -13.24 9.96 8.14
N GLN A 81 -12.78 11.18 8.41
CA GLN A 81 -13.30 12.30 7.68
C GLN A 81 -12.80 12.23 6.22
N ALA A 82 -11.58 11.75 6.00
CA ALA A 82 -11.08 11.57 4.65
C ALA A 82 -11.93 10.55 3.86
N ARG A 83 -12.38 9.52 4.54
CA ARG A 83 -13.24 8.53 3.92
C ARG A 83 -14.54 9.21 3.46
N GLU A 84 -15.07 10.07 4.31
CA GLU A 84 -16.33 10.74 4.04
C GLU A 84 -16.16 11.66 2.84
N LYS A 85 -15.01 12.30 2.75
CA LYS A 85 -14.74 13.20 1.60
C LYS A 85 -14.67 12.44 0.28
N VAL A 86 -14.08 11.26 0.30
CA VAL A 86 -14.01 10.41 -0.87
C VAL A 86 -15.41 9.91 -1.19
N ALA A 87 -16.18 9.52 -0.19
CA ALA A 87 -17.56 9.12 -0.42
C ALA A 87 -18.38 10.22 -1.12
N ASN A 88 -18.33 11.43 -0.59
CA ASN A 88 -19.05 12.51 -1.19
C ASN A 88 -18.57 12.74 -2.60
N PHE A 89 -17.25 12.68 -2.84
CA PHE A 89 -16.70 12.83 -4.19
C PHE A 89 -17.31 11.86 -5.26
N LEU A 90 -17.64 10.65 -4.86
CA LEU A 90 -18.16 9.64 -5.76
C LEU A 90 -19.67 9.41 -5.62
N ASN A 91 -20.27 10.15 -4.67
CA ASN A 91 -21.67 10.01 -4.33
C ASN A 91 -21.94 8.61 -3.82
N ALA A 92 -21.08 8.12 -2.92
CA ALA A 92 -21.27 6.81 -2.32
C ALA A 92 -21.52 7.03 -0.86
N SER A 93 -21.95 5.99 -0.20
CA SER A 93 -21.99 5.97 1.24
C SER A 93 -20.55 5.65 1.76
N SER A 94 -20.15 6.26 2.88
CA SER A 94 -18.79 6.07 3.39
C SER A 94 -18.46 4.64 3.74
N GLU A 95 -19.45 3.82 4.08
CA GLU A 95 -19.17 2.41 4.38
C GLU A 95 -18.85 1.63 3.11
N GLU A 96 -19.07 2.24 1.95
CA GLU A 96 -18.79 1.62 0.67
C GLU A 96 -17.44 2.01 0.11
N ILE A 97 -16.67 2.77 0.85
CA ILE A 97 -15.39 3.23 0.40
C ILE A 97 -14.30 2.52 1.22
N ILE A 98 -13.51 1.69 0.51
CA ILE A 98 -12.35 1.00 1.07
C ILE A 98 -11.04 1.68 0.61
N PHE A 99 -10.17 2.05 1.53
CA PHE A 99 -8.85 2.56 1.15
C PHE A 99 -7.88 1.38 0.88
N THR A 100 -7.07 1.51 -0.16
CA THR A 100 -6.18 0.47 -0.66
C THR A 100 -4.84 1.14 -0.97
N SER A 101 -3.90 0.43 -1.57
CA SER A 101 -2.60 1.00 -1.92
C SER A 101 -2.59 1.55 -3.35
N GLY A 102 -3.66 1.27 -4.11
CA GLY A 102 -3.75 1.64 -5.50
C GLY A 102 -4.85 0.92 -6.29
N THR A 103 -5.06 1.41 -7.51
CA THR A 103 -5.92 0.71 -8.44
C THR A 103 -5.50 -0.75 -8.59
N THR A 104 -4.21 -0.99 -8.77
CA THR A 104 -3.76 -2.35 -8.98
C THR A 104 -4.19 -3.27 -7.87
N MET A 105 -3.97 -2.87 -6.64
CA MET A 105 -4.33 -3.72 -5.52
C MET A 105 -5.85 -3.91 -5.50
N GLY A 106 -6.58 -2.86 -5.78
CA GLY A 106 -8.01 -2.94 -5.77
C GLY A 106 -8.51 -4.00 -6.72
N ILE A 107 -7.96 -4.03 -7.93
CA ILE A 107 -8.35 -5.07 -8.91
C ILE A 107 -7.98 -6.46 -8.47
N ASN A 108 -6.78 -6.65 -7.91
CA ASN A 108 -6.35 -7.97 -7.35
C ASN A 108 -7.26 -8.41 -6.23
N PHE A 109 -7.60 -7.49 -5.32
CA PHE A 109 -8.62 -7.67 -4.31
C PHE A 109 -9.85 -8.30 -4.97
N LEU A 110 -10.38 -7.69 -6.01
CA LEU A 110 -11.64 -8.14 -6.58
C LEU A 110 -11.57 -9.54 -7.16
N VAL A 111 -10.49 -9.86 -7.89
CA VAL A 111 -10.36 -11.15 -8.54
C VAL A 111 -10.31 -12.24 -7.49
N ASN A 112 -9.41 -12.05 -6.53
CA ASN A 112 -9.24 -13.02 -5.46
C ASN A 112 -10.50 -13.19 -4.62
N SER A 113 -11.10 -12.10 -4.18
CA SER A 113 -12.27 -12.17 -3.34
C SER A 113 -13.50 -12.66 -4.09
N LEU A 114 -13.66 -12.31 -5.35
CA LEU A 114 -14.80 -12.83 -6.10
C LEU A 114 -14.66 -14.34 -6.32
N ALA A 115 -13.43 -14.82 -6.47
CA ALA A 115 -13.20 -16.27 -6.59
C ALA A 115 -13.33 -17.02 -5.26
N LYS A 116 -12.79 -16.44 -4.18
CA LYS A 116 -12.83 -17.08 -2.85
C LYS A 116 -14.26 -17.10 -2.29
N SER A 117 -15.08 -16.14 -2.70
CA SER A 117 -16.48 -16.05 -2.28
C SER A 117 -17.42 -16.94 -3.10
N GLY A 118 -16.92 -17.64 -4.12
CA GLY A 118 -17.77 -18.46 -4.96
C GLY A 118 -18.56 -17.79 -6.07
N ILE A 119 -18.34 -16.50 -6.30
CA ILE A 119 -19.06 -15.75 -7.29
C ILE A 119 -18.45 -15.99 -8.67
N LEU A 120 -17.13 -16.11 -8.70
CA LEU A 120 -16.43 -16.28 -9.94
C LEU A 120 -15.84 -17.66 -9.94
N LYS A 121 -16.55 -18.62 -10.51
CA LYS A 121 -16.19 -20.05 -10.36
C LYS A 121 -15.68 -20.62 -11.68
N THR A 122 -15.21 -21.85 -11.63
CA THR A 122 -14.82 -22.62 -12.81
C THR A 122 -15.65 -22.38 -14.07
N GLU A 123 -16.97 -22.52 -13.98
CA GLU A 123 -17.79 -22.37 -15.21
C GLU A 123 -18.20 -20.93 -15.56
N ASP A 124 -17.49 -19.93 -15.08
CA ASP A 124 -17.95 -18.55 -15.22
C ASP A 124 -17.00 -17.79 -16.10
N THR A 125 -17.51 -16.73 -16.73
CA THR A 125 -16.70 -15.86 -17.60
C THR A 125 -16.51 -14.45 -17.05
N VAL A 126 -15.29 -13.92 -17.11
CA VAL A 126 -15.07 -12.51 -16.91
C VAL A 126 -14.82 -11.92 -18.26
N LEU A 127 -15.61 -10.89 -18.59
CA LEU A 127 -15.41 -10.13 -19.80
C LEU A 127 -14.66 -8.79 -19.49
N ILE A 128 -13.56 -8.58 -20.21
CA ILE A 128 -12.76 -7.38 -20.13
C ILE A 128 -12.59 -6.96 -21.56
N SER A 129 -11.80 -5.93 -21.78
CA SER A 129 -11.64 -5.36 -23.13
C SER A 129 -10.20 -5.49 -23.57
N GLN A 130 -9.97 -5.47 -24.88
CA GLN A 130 -8.60 -5.50 -25.41
C GLN A 130 -7.74 -4.29 -25.08
N VAL A 131 -8.34 -3.19 -24.63
CA VAL A 131 -7.55 -2.00 -24.39
C VAL A 131 -7.12 -1.85 -22.94
N GLU A 132 -7.34 -2.87 -22.11
CA GLU A 132 -7.11 -2.74 -20.69
C GLU A 132 -5.66 -2.62 -20.37
N HIS A 133 -5.42 -1.80 -19.35
CA HIS A 133 -4.17 -1.68 -18.66
C HIS A 133 -3.84 -3.03 -18.00
N HIS A 134 -2.54 -3.33 -17.91
CA HIS A 134 -2.11 -4.58 -17.26
C HIS A 134 -2.76 -4.80 -15.92
N ALA A 135 -3.08 -3.74 -15.19
CA ALA A 135 -3.72 -3.95 -13.90
C ALA A 135 -5.15 -4.52 -13.99
N ASN A 136 -5.83 -4.32 -15.12
CA ASN A 136 -7.14 -4.90 -15.31
C ASN A 136 -7.14 -6.00 -16.37
N LEU A 137 -5.97 -6.62 -16.54
CA LEU A 137 -5.82 -7.65 -17.52
C LEU A 137 -5.03 -8.78 -16.91
N VAL A 138 -3.81 -8.53 -16.47
CA VAL A 138 -2.97 -9.58 -15.98
C VAL A 138 -3.52 -10.40 -14.80
N PRO A 139 -4.25 -9.78 -13.85
CA PRO A 139 -4.80 -10.57 -12.75
C PRO A 139 -5.86 -11.56 -13.17
N TRP A 140 -6.70 -11.17 -14.13
CA TRP A 140 -7.75 -12.02 -14.60
C TRP A 140 -7.10 -13.19 -15.35
N VAL A 141 -6.18 -12.88 -16.22
CA VAL A 141 -5.58 -13.90 -17.06
C VAL A 141 -4.79 -14.87 -16.22
N ARG A 142 -3.93 -14.38 -15.33
CA ARG A 142 -3.11 -15.26 -14.51
C ARG A 142 -3.89 -16.08 -13.52
N LEU A 143 -4.79 -15.42 -12.79
CA LEU A 143 -5.62 -16.13 -11.83
C LEU A 143 -6.66 -17.07 -12.45
N SER A 144 -6.95 -16.95 -13.75
CA SER A 144 -7.79 -17.96 -14.42
C SER A 144 -7.17 -19.37 -14.27
N LYS A 145 -5.84 -19.46 -14.35
CA LYS A 145 -5.12 -20.74 -14.16
C LYS A 145 -5.35 -21.33 -12.78
N PHE A 146 -5.44 -20.50 -11.75
CA PHE A 146 -5.62 -20.98 -10.37
C PHE A 146 -7.07 -21.23 -10.02
N TYR A 147 -8.01 -20.46 -10.54
CA TYR A 147 -9.42 -20.65 -10.16
C TYR A 147 -10.32 -21.21 -11.28
N GLY A 148 -9.84 -21.22 -12.52
CA GLY A 148 -10.55 -21.91 -13.62
C GLY A 148 -11.69 -21.20 -14.33
N PHE A 149 -11.89 -19.91 -14.04
CA PHE A 149 -12.90 -19.10 -14.76
C PHE A 149 -12.35 -18.74 -16.09
N LYS A 150 -13.21 -18.34 -17.01
CA LYS A 150 -12.77 -18.01 -18.37
C LYS A 150 -12.60 -16.52 -18.52
N VAL A 151 -11.71 -16.12 -19.43
CA VAL A 151 -11.51 -14.74 -19.72
C VAL A 151 -11.91 -14.48 -21.16
N ALA A 152 -12.78 -13.50 -21.39
CA ALA A 152 -13.16 -13.13 -22.76
C ALA A 152 -13.00 -11.62 -22.95
N TYR A 153 -12.81 -11.23 -24.21
CA TYR A 153 -12.46 -9.88 -24.58
C TYR A 153 -13.51 -9.23 -25.46
N ILE A 154 -13.84 -7.98 -25.13
CA ILE A 154 -14.51 -7.09 -26.07
C ILE A 154 -13.40 -6.54 -26.93
N THR A 155 -13.60 -6.57 -28.26
CA THR A 155 -12.51 -6.31 -29.22
C THR A 155 -12.43 -4.87 -29.64
N ALA A 156 -11.19 -4.42 -29.87
CA ALA A 156 -10.89 -3.08 -30.34
C ALA A 156 -10.69 -3.11 -31.86
N ASP A 157 -10.92 -1.98 -32.53
CA ASP A 157 -10.68 -1.85 -33.97
C ASP A 157 -9.20 -1.50 -34.28
N GLU A 158 -8.86 -1.25 -35.54
CA GLU A 158 -7.49 -0.95 -35.98
C GLU A 158 -6.80 0.19 -35.22
N LYS A 159 -7.57 1.18 -34.78
CA LYS A 159 -7.05 2.34 -34.08
C LYS A 159 -7.13 2.24 -32.56
N GLY A 160 -7.59 1.11 -32.05
CA GLY A 160 -7.75 0.90 -30.61
C GLY A 160 -9.11 1.28 -30.04
N VAL A 161 -10.03 1.71 -30.89
CA VAL A 161 -11.34 2.15 -30.44
C VAL A 161 -12.22 0.96 -30.03
N ILE A 162 -12.87 1.04 -28.86
CA ILE A 162 -14.02 0.18 -28.54
C ILE A 162 -15.31 0.85 -29.05
N THR A 163 -15.90 0.33 -30.11
CA THR A 163 -17.11 0.93 -30.65
C THR A 163 -18.30 0.38 -29.93
N ASN A 164 -19.42 1.10 -30.03
CA ASN A 164 -20.72 0.61 -29.53
C ASN A 164 -21.08 -0.73 -30.18
N GLU A 165 -20.86 -0.82 -31.48
CA GLU A 165 -21.15 -2.04 -32.22
C GLU A 165 -20.35 -3.23 -31.68
N SER A 166 -19.07 -3.01 -31.39
CA SER A 166 -18.27 -4.06 -30.82
C SER A 166 -18.84 -4.58 -29.50
N ILE A 167 -19.33 -3.64 -28.70
CA ILE A 167 -19.89 -3.94 -27.38
C ILE A 167 -21.16 -4.78 -27.51
N LEU A 168 -22.04 -4.37 -28.42
CA LEU A 168 -23.26 -5.12 -28.72
C LEU A 168 -23.01 -6.50 -29.36
N LYS A 169 -22.05 -6.59 -30.27
CA LYS A 169 -21.77 -7.87 -30.91
C LYS A 169 -21.17 -8.85 -29.91
N THR A 170 -20.29 -8.38 -29.02
CA THR A 170 -19.83 -9.22 -27.90
C THR A 170 -21.01 -9.75 -27.04
N LYS A 171 -22.00 -8.91 -26.77
CA LYS A 171 -23.20 -9.36 -26.07
C LYS A 171 -23.91 -10.57 -26.72
N GLU A 172 -23.86 -10.66 -28.05
CA GLU A 172 -24.41 -11.82 -28.80
C GLU A 172 -23.68 -13.13 -28.50
N SER A 173 -22.34 -13.09 -28.42
CA SER A 173 -21.49 -14.28 -28.17
C SER A 173 -21.31 -14.58 -26.70
N ILE A 174 -21.36 -13.54 -25.88
CA ILE A 174 -21.09 -13.64 -24.44
C ILE A 174 -22.31 -13.02 -23.74
N PRO A 175 -23.45 -13.75 -23.74
CA PRO A 175 -24.70 -13.21 -23.18
C PRO A 175 -24.77 -13.01 -21.65
N ASN A 176 -24.10 -13.87 -20.88
CA ASN A 176 -24.21 -13.79 -19.44
C ASN A 176 -22.82 -13.89 -18.76
N PRO A 177 -21.97 -12.87 -18.99
CA PRO A 177 -20.72 -12.91 -18.25
C PRO A 177 -21.01 -12.67 -16.77
N LYS A 178 -20.44 -13.48 -15.90
CA LYS A 178 -20.57 -13.26 -14.47
C LYS A 178 -19.95 -11.95 -14.01
N VAL A 179 -18.80 -11.62 -14.58
CA VAL A 179 -18.18 -10.35 -14.31
C VAL A 179 -17.81 -9.62 -15.59
N VAL A 180 -18.05 -8.32 -15.58
CA VAL A 180 -17.55 -7.45 -16.60
C VAL A 180 -16.64 -6.48 -15.89
N SER A 181 -15.39 -6.40 -16.35
CA SER A 181 -14.42 -5.42 -15.83
C SER A 181 -13.78 -4.62 -16.96
N ILE A 182 -14.09 -3.34 -17.02
CA ILE A 182 -13.78 -2.48 -18.16
C ILE A 182 -13.16 -1.20 -17.62
N THR A 183 -12.30 -0.58 -18.41
CA THR A 183 -11.75 0.73 -18.07
C THR A 183 -12.76 1.86 -18.29
N GLY A 184 -12.77 2.85 -17.41
CA GLY A 184 -13.63 4.04 -17.63
C GLY A 184 -13.01 4.89 -18.72
N GLN A 185 -11.69 4.80 -18.86
CA GLN A 185 -10.96 5.53 -19.91
C GLN A 185 -9.61 4.89 -20.14
N SER A 186 -9.26 4.64 -21.40
CA SER A 186 -8.03 3.94 -21.73
C SER A 186 -6.85 4.84 -21.52
N ASN A 187 -5.78 4.31 -20.96
CA ASN A 187 -4.57 5.09 -20.75
C ASN A 187 -3.68 5.16 -21.99
N VAL A 188 -4.07 4.49 -23.08
CA VAL A 188 -3.36 4.61 -24.34
C VAL A 188 -4.16 5.37 -25.41
N THR A 189 -5.39 4.96 -25.64
CA THR A 189 -6.15 5.63 -26.68
C THR A 189 -6.89 6.91 -26.24
N GLY A 190 -7.10 7.11 -24.94
CA GLY A 190 -7.80 8.29 -24.46
C GLY A 190 -9.31 8.14 -24.50
N GLN A 191 -9.79 7.02 -25.01
CA GLN A 191 -11.22 6.77 -25.11
C GLN A 191 -11.88 6.63 -23.74
N GLU A 192 -12.72 7.62 -23.41
CA GLU A 192 -13.74 7.50 -22.38
C GLU A 192 -14.80 6.53 -22.84
N MET A 193 -14.99 5.47 -22.08
CA MET A 193 -15.88 4.37 -22.48
C MET A 193 -17.32 4.64 -22.10
N PRO A 194 -18.25 4.09 -22.87
CA PRO A 194 -19.69 4.23 -22.66
C PRO A 194 -20.19 3.34 -21.54
N ILE A 195 -19.97 3.80 -20.32
CA ILE A 195 -20.26 3.00 -19.15
C ILE A 195 -21.76 2.70 -19.07
N GLU A 196 -22.57 3.71 -19.39
CA GLU A 196 -24.04 3.54 -19.33
C GLU A 196 -24.49 2.47 -20.31
N LEU A 197 -23.89 2.45 -21.50
CA LEU A 197 -24.22 1.44 -22.51
C LEU A 197 -23.76 0.06 -22.03
N ILE A 198 -22.59 0.02 -21.41
CA ILE A 198 -22.05 -1.24 -20.86
C ILE A 198 -22.94 -1.78 -19.75
N ARG A 199 -23.28 -0.94 -18.77
CA ARG A 199 -24.16 -1.31 -17.68
C ARG A 199 -25.52 -1.85 -18.15
N GLU A 200 -26.14 -1.22 -19.13
CA GLU A 200 -27.48 -1.68 -19.62
C GLU A 200 -27.35 -2.94 -20.49
N THR A 201 -26.28 -3.05 -21.30
CA THR A 201 -26.09 -4.25 -22.12
C THR A 201 -25.82 -5.49 -21.27
N PHE A 202 -25.08 -5.31 -20.17
CA PHE A 202 -24.77 -6.43 -19.30
C PHE A 202 -25.40 -6.20 -17.95
N LYS A 203 -26.72 -6.14 -17.94
CA LYS A 203 -27.41 -5.69 -16.77
C LYS A 203 -27.27 -6.71 -15.65
N ASN A 204 -27.04 -7.98 -15.98
CA ASN A 204 -26.90 -9.01 -14.94
C ASN A 204 -25.50 -9.29 -14.41
N ALA A 205 -24.48 -8.68 -14.98
CA ALA A 205 -23.14 -8.97 -14.56
C ALA A 205 -22.81 -8.10 -13.37
N THR A 206 -21.77 -8.51 -12.67
CA THR A 206 -21.09 -7.67 -11.72
C THR A 206 -20.13 -6.81 -12.53
N LEU A 207 -20.37 -5.47 -12.49
CA LEU A 207 -19.65 -4.51 -13.31
C LEU A 207 -18.57 -3.75 -12.49
N ILE A 208 -17.32 -3.94 -12.89
CA ILE A 208 -16.15 -3.25 -12.32
C ILE A 208 -15.61 -2.23 -13.31
N VAL A 209 -15.39 -1.01 -12.84
CA VAL A 209 -14.78 -0.01 -13.63
C VAL A 209 -13.39 0.36 -13.10
N ASP A 210 -12.41 0.27 -13.98
CA ASP A 210 -11.08 0.75 -13.69
C ASP A 210 -11.14 2.21 -14.01
N GLY A 211 -11.25 3.01 -12.97
CA GLY A 211 -11.46 4.43 -13.10
C GLY A 211 -10.22 5.28 -12.96
N ALA A 212 -9.03 4.68 -13.05
CA ALA A 212 -7.78 5.34 -12.65
C ALA A 212 -7.47 6.58 -13.50
N GLN A 213 -7.85 6.50 -14.75
CA GLN A 213 -7.61 7.54 -15.73
C GLN A 213 -8.82 8.50 -15.84
N LEU A 214 -10.01 8.02 -15.51
CA LEU A 214 -11.26 8.78 -15.64
C LEU A 214 -11.54 9.73 -14.48
N VAL A 215 -11.50 9.20 -13.27
CA VAL A 215 -11.78 9.94 -12.05
C VAL A 215 -10.96 11.22 -11.87
N PRO A 216 -9.68 11.21 -12.27
CA PRO A 216 -8.95 12.47 -12.08
C PRO A 216 -9.51 13.73 -12.79
N HIS A 217 -10.22 13.58 -13.91
CA HIS A 217 -10.72 14.74 -14.66
C HIS A 217 -12.21 14.75 -15.04
N LYS A 218 -12.96 13.73 -14.66
CA LYS A 218 -14.38 13.77 -14.90
C LYS A 218 -15.13 13.26 -13.67
N LYS A 219 -16.06 14.05 -13.14
CA LYS A 219 -16.98 13.68 -12.05
C LYS A 219 -17.66 12.37 -12.33
N VAL A 220 -17.65 11.51 -11.30
CA VAL A 220 -18.20 10.18 -11.40
C VAL A 220 -19.21 10.05 -10.28
N ASP A 221 -20.43 9.66 -10.64
CA ASP A 221 -21.51 9.43 -9.68
C ASP A 221 -21.81 7.96 -9.77
N VAL A 222 -21.26 7.21 -8.83
CA VAL A 222 -21.36 5.76 -8.87
C VAL A 222 -22.78 5.21 -8.75
N LYS A 223 -23.69 5.98 -8.14
CA LYS A 223 -25.12 5.58 -7.99
C LYS A 223 -25.84 5.66 -9.32
N LYS A 224 -25.67 6.80 -9.99
CA LYS A 224 -26.24 7.06 -11.32
C LYS A 224 -25.63 6.13 -12.41
N LEU A 225 -24.30 5.99 -12.44
CA LEU A 225 -23.68 5.01 -13.33
C LEU A 225 -24.05 3.55 -12.93
N ASP A 226 -24.39 3.31 -11.67
CA ASP A 226 -24.83 1.98 -11.22
C ASP A 226 -23.78 0.84 -11.34
N VAL A 227 -22.51 1.23 -11.27
CA VAL A 227 -21.43 0.27 -11.22
C VAL A 227 -21.45 -0.47 -9.91
N ASP A 228 -20.89 -1.67 -9.95
CA ASP A 228 -20.85 -2.51 -8.79
C ASP A 228 -19.56 -2.25 -8.01
N PHE A 229 -18.48 -1.97 -8.72
CA PHE A 229 -17.22 -1.59 -8.14
C PHE A 229 -16.51 -0.51 -9.00
N LEU A 230 -15.70 0.32 -8.36
CA LEU A 230 -14.89 1.28 -9.04
C LEU A 230 -13.56 1.38 -8.30
N VAL A 231 -12.47 1.48 -9.02
CA VAL A 231 -11.19 1.65 -8.36
C VAL A 231 -10.48 2.83 -8.97
N PHE A 232 -9.65 3.48 -8.20
CA PHE A 232 -8.73 4.47 -8.75
C PHE A 232 -7.59 4.70 -7.77
N SER A 233 -6.61 5.47 -8.20
CA SER A 233 -5.38 5.74 -7.45
C SER A 233 -5.24 7.23 -7.13
N GLY A 234 -4.82 7.53 -5.92
CA GLY A 234 -4.63 8.91 -5.51
C GLY A 234 -3.52 9.62 -6.26
N HIS A 235 -2.49 8.91 -6.69
CA HIS A 235 -1.35 9.67 -7.22
C HIS A 235 -1.67 10.26 -8.58
N LYS A 236 -2.73 9.80 -9.21
CA LYS A 236 -3.18 10.35 -10.51
C LYS A 236 -4.13 11.58 -10.42
N ILE A 237 -4.51 11.93 -9.20
CA ILE A 237 -5.41 13.01 -8.99
C ILE A 237 -4.81 13.97 -7.97
N LEU A 238 -3.52 14.25 -8.15
CA LEU A 238 -2.75 15.17 -7.35
C LEU A 238 -2.43 14.69 -5.96
N GLY A 239 -2.78 13.45 -5.67
CA GLY A 239 -2.66 12.95 -4.31
C GLY A 239 -1.36 12.24 -4.00
N PRO A 240 -1.21 11.77 -2.75
CA PRO A 240 -0.03 11.04 -2.33
C PRO A 240 0.11 9.72 -3.07
N THR A 241 1.32 9.17 -3.08
CA THR A 241 1.49 7.80 -3.55
C THR A 241 1.08 6.86 -2.44
N GLY A 242 0.93 5.59 -2.84
CA GLY A 242 0.65 4.52 -1.89
C GLY A 242 -0.79 4.46 -1.40
N ILE A 243 -1.67 5.24 -2.02
CA ILE A 243 -3.08 5.27 -1.61
C ILE A 243 -4.04 5.09 -2.81
N GLY A 244 -5.03 4.22 -2.63
CA GLY A 244 -6.08 4.03 -3.65
C GLY A 244 -7.44 3.91 -3.01
N VAL A 245 -8.44 3.74 -3.86
CA VAL A 245 -9.78 3.60 -3.42
C VAL A 245 -10.45 2.46 -4.18
N LEU A 246 -11.14 1.61 -3.43
CA LEU A 246 -12.13 0.75 -4.00
C LEU A 246 -13.52 1.14 -3.49
N TYR A 247 -14.45 1.35 -4.41
CA TYR A 247 -15.85 1.55 -4.06
C TYR A 247 -16.57 0.26 -4.39
N GLY A 248 -17.48 -0.17 -3.53
CA GLY A 248 -18.34 -1.28 -3.86
C GLY A 248 -19.75 -1.05 -3.31
N LYS A 249 -20.77 -1.47 -4.06
CA LYS A 249 -22.11 -1.52 -3.50
C LYS A 249 -22.11 -2.28 -2.19
N LYS A 250 -22.76 -1.70 -1.20
CA LYS A 250 -22.86 -2.25 0.14
C LYS A 250 -23.33 -3.70 0.15
N ALA A 251 -24.40 -4.01 -0.57
CA ALA A 251 -24.94 -5.38 -0.57
C ALA A 251 -23.97 -6.40 -1.13
N LEU A 252 -23.15 -6.01 -2.10
CA LEU A 252 -22.09 -6.91 -2.60
C LEU A 252 -20.94 -7.03 -1.66
N LEU A 253 -20.49 -5.91 -1.10
CA LEU A 253 -19.37 -5.93 -0.14
C LEU A 253 -19.64 -6.84 1.03
N GLU A 254 -20.88 -6.81 1.51
CA GLU A 254 -21.32 -7.67 2.61
C GLU A 254 -21.12 -9.15 2.29
N GLN A 255 -21.25 -9.53 1.03
CA GLN A 255 -21.10 -10.94 0.68
C GLN A 255 -19.64 -11.39 0.36
N LEU A 256 -18.67 -10.49 0.40
CA LEU A 256 -17.34 -10.85 -0.09
C LEU A 256 -16.40 -11.35 1.03
N GLU A 257 -15.67 -12.42 0.75
CA GLU A 257 -14.55 -12.80 1.58
C GLU A 257 -13.50 -11.71 1.49
N PRO A 258 -13.01 -11.27 2.65
CA PRO A 258 -11.88 -10.37 2.60
C PRO A 258 -10.74 -10.96 1.79
N PHE A 259 -9.98 -10.06 1.16
CA PHE A 259 -8.80 -10.38 0.45
C PHE A 259 -7.64 -10.54 1.41
N LEU A 260 -7.39 -9.50 2.22
CA LEU A 260 -6.24 -9.50 3.14
C LEU A 260 -6.73 -9.68 4.56
N TYR A 261 -5.96 -10.38 5.36
CA TYR A 261 -6.36 -10.69 6.75
C TYR A 261 -5.35 -10.14 7.74
N GLY A 262 -5.85 -9.71 8.87
CA GLY A 262 -4.95 -9.25 9.93
C GLY A 262 -5.69 -8.41 10.96
N GLY A 263 -4.98 -7.48 11.57
CA GLY A 263 -5.55 -6.60 12.55
C GLY A 263 -6.58 -5.73 11.91
N GLU A 264 -7.49 -5.22 12.75
CA GLU A 264 -8.47 -4.21 12.37
C GLU A 264 -9.69 -4.78 11.64
N MET A 265 -9.46 -5.68 10.67
CA MET A 265 -10.55 -6.30 9.90
C MET A 265 -11.25 -7.44 10.61
N ILE A 266 -10.72 -7.86 11.74
CA ILE A 266 -11.38 -8.95 12.48
C ILE A 266 -12.42 -8.45 13.47
N ASP A 267 -13.26 -9.37 13.93
CA ASP A 267 -14.20 -9.09 14.99
C ASP A 267 -13.77 -9.94 16.16
N LYS A 268 -13.96 -11.25 16.03
CA LYS A 268 -13.51 -12.21 17.03
C LYS A 268 -12.39 -13.12 16.46
N VAL A 269 -11.32 -13.32 17.22
CA VAL A 269 -10.27 -14.23 16.80
C VAL A 269 -9.98 -15.24 17.88
N THR A 270 -9.96 -16.52 17.51
CA THR A 270 -9.45 -17.55 18.36
C THR A 270 -8.37 -18.22 17.57
N PHE A 271 -7.70 -19.21 18.18
CA PHE A 271 -6.64 -19.98 17.52
C PHE A 271 -7.15 -20.78 16.33
N GLU A 272 -8.45 -21.07 16.29
CA GLU A 272 -9.01 -22.00 15.29
C GLU A 272 -9.94 -21.34 14.29
N ASP A 273 -10.60 -20.27 14.72
CA ASP A 273 -11.61 -19.56 13.94
C ASP A 273 -11.44 -18.05 14.02
N VAL A 274 -12.08 -17.37 13.08
CA VAL A 274 -12.05 -15.93 13.02
C VAL A 274 -13.35 -15.42 12.43
N THR A 275 -13.91 -14.37 13.02
CA THR A 275 -15.00 -13.62 12.40
C THR A 275 -14.56 -12.20 12.03
N PHE A 276 -15.32 -11.52 11.17
CA PHE A 276 -14.93 -10.22 10.61
C PHE A 276 -15.65 -8.97 11.13
N ASN A 277 -14.92 -7.87 11.14
CA ASN A 277 -15.46 -6.57 11.48
C ASN A 277 -16.59 -6.16 10.50
N VAL A 278 -17.23 -5.04 10.76
CA VAL A 278 -18.24 -4.51 9.84
C VAL A 278 -17.58 -3.71 8.70
N LEU A 279 -18.37 -3.44 7.66
CA LEU A 279 -17.98 -2.52 6.59
C LEU A 279 -17.70 -1.16 7.20
N PRO A 280 -16.68 -0.47 6.71
CA PRO A 280 -15.78 -0.94 5.66
C PRO A 280 -14.55 -1.65 6.23
N TYR A 281 -14.43 -1.69 7.56
CA TYR A 281 -13.18 -2.06 8.25
C TYR A 281 -12.78 -3.49 7.92
N ARG A 282 -13.77 -4.30 7.55
CA ARG A 282 -13.60 -5.70 7.13
C ARG A 282 -12.64 -5.83 5.97
N PHE A 283 -12.52 -4.79 5.16
CA PHE A 283 -11.65 -4.82 4.01
C PHE A 283 -10.38 -3.99 4.13
N GLU A 284 -10.00 -3.63 5.36
CA GLU A 284 -8.78 -2.88 5.59
C GLU A 284 -7.96 -3.63 6.63
N ALA A 285 -7.02 -4.40 6.14
CA ALA A 285 -6.20 -5.24 6.99
C ALA A 285 -4.92 -4.53 7.38
N GLY A 286 -4.73 -4.34 8.67
CA GLY A 286 -3.55 -3.69 9.20
C GLY A 286 -3.65 -2.18 9.06
N THR A 287 -2.60 -1.54 9.54
CA THR A 287 -2.40 -0.10 9.46
C THR A 287 -2.39 0.28 8.01
N GLN A 288 -3.30 1.18 7.64
CA GLN A 288 -3.40 1.62 6.27
C GLN A 288 -2.45 2.79 6.07
N HIS A 289 -2.41 3.29 4.85
CA HIS A 289 -1.75 4.55 4.57
C HIS A 289 -2.55 5.75 5.12
N ILE A 290 -2.45 5.93 6.43
CA ILE A 290 -3.19 6.93 7.16
C ILE A 290 -2.96 8.33 6.55
N THR A 291 -1.72 8.69 6.44
CA THR A 291 -1.40 10.00 5.98
C THR A 291 -1.79 10.16 4.51
N GLY A 292 -1.75 9.04 3.79
CA GLY A 292 -2.14 9.04 2.40
C GLY A 292 -3.62 9.28 2.23
N ALA A 293 -4.43 8.63 3.04
CA ALA A 293 -5.87 8.85 3.03
C ALA A 293 -6.17 10.33 3.37
N VAL A 294 -5.53 10.84 4.40
CA VAL A 294 -5.84 12.18 4.83
C VAL A 294 -5.44 13.15 3.74
N GLY A 295 -4.37 12.86 3.00
CA GLY A 295 -3.86 13.77 1.95
C GLY A 295 -4.67 13.70 0.67
N LEU A 296 -5.24 12.53 0.41
CA LEU A 296 -6.18 12.34 -0.65
C LEU A 296 -7.44 13.13 -0.37
N GLY A 297 -7.92 13.12 0.86
CA GLY A 297 -9.02 14.02 1.26
C GLY A 297 -8.71 15.50 1.02
N TYR A 298 -7.52 15.96 1.44
CA TYR A 298 -7.14 17.37 1.23
C TYR A 298 -6.96 17.72 -0.25
N THR A 299 -6.63 16.70 -1.03
CA THR A 299 -6.52 16.80 -2.46
C THR A 299 -7.86 17.01 -3.10
N ILE A 300 -8.83 16.25 -2.65
CA ILE A 300 -10.16 16.37 -3.16
C ILE A 300 -10.71 17.77 -2.73
N ASP A 301 -10.51 18.18 -1.48
CA ASP A 301 -10.92 19.54 -1.12
C ASP A 301 -10.30 20.59 -2.00
N TYR A 302 -9.02 20.42 -2.31
CA TYR A 302 -8.35 21.32 -3.22
C TYR A 302 -9.02 21.33 -4.59
N LEU A 303 -9.25 20.17 -5.18
CA LEU A 303 -9.95 20.13 -6.45
C LEU A 303 -11.37 20.72 -6.37
N GLU A 304 -12.14 20.39 -5.36
CA GLU A 304 -13.49 20.92 -5.26
C GLU A 304 -13.46 22.44 -5.08
N SER A 305 -12.43 23.00 -4.44
CA SER A 305 -12.41 24.45 -4.29
C SER A 305 -11.99 25.21 -5.59
N ILE A 306 -11.39 24.52 -6.54
CA ILE A 306 -11.18 25.09 -7.84
C ILE A 306 -12.47 24.95 -8.63
N GLY A 307 -13.19 23.85 -8.41
CA GLY A 307 -14.44 23.56 -9.06
C GLY A 307 -14.12 22.40 -9.96
N PHE A 308 -14.65 21.23 -9.67
CA PHE A 308 -14.30 20.08 -10.43
C PHE A 308 -14.81 20.22 -11.83
N GLU A 309 -15.91 20.94 -11.98
CA GLU A 309 -16.48 21.20 -13.30
C GLU A 309 -15.50 22.02 -14.15
N LYS A 310 -14.80 22.96 -13.54
CA LYS A 310 -13.81 23.71 -14.29
C LYS A 310 -12.61 22.84 -14.66
N VAL A 311 -12.24 21.95 -13.75
CA VAL A 311 -11.14 21.03 -14.04
C VAL A 311 -11.51 20.22 -15.27
N GLU A 312 -12.71 19.66 -15.27
CA GLU A 312 -13.15 18.79 -16.35
C GLU A 312 -13.14 19.57 -17.69
N LYS A 313 -13.64 20.78 -17.67
CA LYS A 313 -13.69 21.60 -18.88
C LYS A 313 -12.33 22.02 -19.36
N HIS A 314 -11.46 22.39 -18.45
CA HIS A 314 -10.12 22.80 -18.81
C HIS A 314 -9.38 21.66 -19.42
N VAL A 315 -9.56 20.46 -18.88
CA VAL A 315 -8.98 19.27 -19.49
C VAL A 315 -9.57 18.96 -20.88
N GLU A 316 -10.88 19.05 -21.03
CA GLU A 316 -11.55 18.93 -22.36
C GLU A 316 -10.98 19.91 -23.43
N GLU A 317 -10.89 21.17 -23.04
CA GLU A 317 -10.30 22.20 -23.88
C GLU A 317 -8.85 21.91 -24.28
N LEU A 318 -8.00 21.56 -23.33
CA LEU A 318 -6.63 21.19 -23.66
C LEU A 318 -6.52 19.96 -24.55
N SER A 319 -7.34 18.95 -24.30
CA SER A 319 -7.31 17.72 -25.08
C SER A 319 -7.73 18.01 -26.52
N ASN A 320 -8.78 18.82 -26.69
CA ASN A 320 -9.22 19.17 -28.02
C ASN A 320 -8.14 19.92 -28.75
N TYR A 321 -7.45 20.82 -28.04
CA TYR A 321 -6.35 21.54 -28.64
C TYR A 321 -5.20 20.59 -28.96
N LEU A 322 -4.93 19.65 -28.06
CA LEU A 322 -3.81 18.73 -28.28
C LEU A 322 -4.09 17.88 -29.50
N LEU A 323 -5.32 17.46 -29.58
CA LEU A 323 -5.74 16.59 -30.63
C LEU A 323 -5.72 17.34 -31.97
N GLU A 324 -6.12 18.60 -31.97
CA GLU A 324 -6.17 19.39 -33.19
C GLU A 324 -4.74 19.58 -33.74
N LYS A 325 -3.81 19.97 -32.88
CA LYS A 325 -2.45 20.28 -33.29
C LYS A 325 -1.69 19.04 -33.76
N MET A 326 -1.86 17.94 -33.05
CA MET A 326 -1.24 16.69 -33.45
C MET A 326 -1.82 16.15 -34.75
N MET A 327 -3.11 16.37 -35.01
CA MET A 327 -3.70 15.95 -36.26
C MET A 327 -3.18 16.75 -37.48
N GLU A 328 -2.71 17.98 -37.26
CA GLU A 328 -2.11 18.79 -38.34
C GLU A 328 -0.71 18.35 -38.74
N LEU A 329 -0.12 17.41 -38.03
CA LEU A 329 1.21 16.93 -38.35
C LEU A 329 1.20 15.77 -39.37
N ASP A 330 1.79 16.01 -40.53
CA ASP A 330 1.84 15.01 -41.61
C ASP A 330 2.77 13.82 -41.31
N PHE A 331 3.70 13.99 -40.38
CA PHE A 331 4.74 12.98 -40.04
C PHE A 331 4.41 12.11 -38.81
N VAL A 332 3.20 12.22 -38.31
CA VAL A 332 2.79 11.47 -37.12
C VAL A 332 1.63 10.52 -37.39
N GLU A 333 1.64 9.37 -36.73
CA GLU A 333 0.48 8.48 -36.67
C GLU A 333 -0.19 8.58 -35.28
N VAL A 334 -1.45 8.98 -35.22
CA VAL A 334 -2.22 9.08 -33.97
C VAL A 334 -3.10 7.84 -33.75
N TYR A 335 -3.20 7.35 -32.51
CA TYR A 335 -4.05 6.21 -32.21
C TYR A 335 -5.24 6.68 -31.40
N GLY A 336 -6.26 5.85 -31.36
CA GLY A 336 -7.47 6.19 -30.65
C GLY A 336 -8.55 6.81 -31.51
N PRO A 337 -9.60 7.33 -30.87
CA PRO A 337 -10.85 7.67 -31.50
C PRO A 337 -10.88 8.96 -32.29
N ILE A 338 -10.14 9.97 -31.88
CA ILE A 338 -10.11 11.25 -32.61
C ILE A 338 -11.53 11.78 -32.84
N ASP A 339 -12.30 11.73 -31.76
CA ASP A 339 -13.61 12.33 -31.69
C ASP A 339 -13.84 12.82 -30.27
N SER A 340 -15.10 13.05 -29.92
CA SER A 340 -15.48 13.63 -28.66
C SER A 340 -15.37 12.68 -27.47
N SER A 341 -15.24 11.39 -27.71
CA SER A 341 -14.90 10.46 -26.63
C SER A 341 -13.40 10.49 -26.25
N HIS A 342 -12.54 11.11 -27.07
CA HIS A 342 -11.10 11.11 -26.87
C HIS A 342 -10.69 12.19 -25.90
N LYS A 343 -10.15 11.82 -24.74
CA LYS A 343 -9.78 12.79 -23.71
C LYS A 343 -8.41 12.55 -23.12
N SER A 344 -7.86 13.62 -22.56
CA SER A 344 -6.71 13.56 -21.65
C SER A 344 -5.39 13.31 -22.33
N LEU A 345 -5.35 12.50 -23.36
CA LEU A 345 -4.06 12.04 -23.81
C LEU A 345 -4.06 11.62 -25.25
N VAL A 346 -2.92 11.73 -25.87
CA VAL A 346 -2.72 11.24 -27.22
C VAL A 346 -1.50 10.32 -27.29
N SER A 347 -1.73 9.09 -27.69
CA SER A 347 -0.66 8.22 -28.15
C SER A 347 -0.39 8.36 -29.64
N PHE A 348 0.88 8.32 -30.00
CA PHE A 348 1.30 8.57 -31.36
C PHE A 348 2.70 8.04 -31.59
N ASN A 349 3.10 7.99 -32.86
CA ASN A 349 4.50 7.69 -33.19
C ASN A 349 4.96 8.73 -34.21
N VAL A 350 6.24 9.05 -34.20
CA VAL A 350 6.84 9.85 -35.23
C VAL A 350 7.34 8.91 -36.32
N LYS A 351 7.03 9.21 -37.59
CA LYS A 351 7.42 8.33 -38.70
C LYS A 351 8.94 8.15 -38.66
N GLY A 352 9.42 6.93 -38.49
CA GLY A 352 10.83 6.65 -38.59
C GLY A 352 11.68 7.05 -37.41
N VAL A 353 11.04 7.32 -36.27
CA VAL A 353 11.77 7.64 -35.03
C VAL A 353 11.17 6.85 -33.91
N HIS A 354 11.99 6.08 -33.24
CA HIS A 354 11.55 5.26 -32.11
C HIS A 354 11.11 6.11 -30.91
N PRO A 355 10.04 5.68 -30.22
CA PRO A 355 9.51 6.41 -29.08
C PRO A 355 10.53 6.82 -28.04
N HIS A 356 11.51 5.98 -27.72
CA HIS A 356 12.53 6.42 -26.74
C HIS A 356 13.30 7.63 -27.18
N ASP A 357 13.66 7.68 -28.45
CA ASP A 357 14.42 8.79 -28.94
C ASP A 357 13.58 10.04 -28.96
N VAL A 358 12.32 9.90 -29.36
CA VAL A 358 11.36 11.01 -29.35
C VAL A 358 11.20 11.58 -27.94
N SER A 359 10.95 10.73 -26.97
CA SER A 359 10.80 11.24 -25.58
C SER A 359 12.11 11.81 -24.98
N HIS A 360 13.25 11.22 -25.34
CA HIS A 360 14.53 11.69 -24.81
C HIS A 360 14.81 13.09 -25.26
N ILE A 361 14.71 13.33 -26.57
CA ILE A 361 14.97 14.66 -27.11
C ILE A 361 13.96 15.65 -26.61
N LEU A 362 12.69 15.26 -26.62
CA LEU A 362 11.63 16.08 -26.06
C LEU A 362 12.03 16.51 -24.65
N ASP A 363 12.53 15.59 -23.87
CA ASP A 363 12.91 15.95 -22.52
C ASP A 363 14.18 16.78 -22.45
N GLU A 364 15.23 16.29 -23.08
CA GLU A 364 16.55 16.85 -22.87
C GLU A 364 16.67 18.23 -23.52
N ASN A 365 15.95 18.41 -24.64
CA ASN A 365 16.10 19.61 -25.45
C ASN A 365 14.91 20.52 -25.38
N PHE A 366 13.76 20.00 -24.96
CA PHE A 366 12.55 20.86 -24.90
C PHE A 366 11.91 20.94 -23.51
N GLY A 367 12.54 20.26 -22.55
CA GLY A 367 11.98 20.14 -21.21
C GLY A 367 10.63 19.47 -21.17
N VAL A 368 10.24 18.77 -22.25
CA VAL A 368 8.95 18.12 -22.31
C VAL A 368 9.00 16.67 -21.82
N ALA A 369 8.14 16.37 -20.84
CA ALA A 369 8.07 15.03 -20.27
C ALA A 369 6.92 14.24 -20.90
N THR A 370 7.21 13.04 -21.41
CA THR A 370 6.23 12.18 -22.03
C THR A 370 6.67 10.76 -21.77
N ARG A 371 5.74 9.84 -21.91
CA ARG A 371 6.05 8.42 -21.83
C ARG A 371 6.30 7.83 -23.22
N SER A 372 7.06 6.75 -23.24
CA SER A 372 7.46 6.09 -24.44
C SER A 372 7.58 4.59 -24.13
N GLY A 373 6.82 3.75 -24.83
CA GLY A 373 6.81 2.33 -24.59
C GLY A 373 5.43 1.71 -24.77
N HIS A 374 5.10 0.69 -23.98
CA HIS A 374 3.84 -0.05 -24.12
C HIS A 374 2.71 0.56 -23.32
N HIS A 375 3.06 1.48 -22.41
CA HIS A 375 2.11 2.08 -21.46
C HIS A 375 1.31 1.10 -20.62
N CSS A 376 1.91 -0.02 -20.27
CA CSS A 376 1.26 -1.08 -19.50
CB CSS A 376 1.11 -0.64 -17.99
SG CSS A 376 2.65 -0.42 -17.09
SD CSS A 376 3.77 -2.11 -17.45
C CSS A 376 -0.01 -1.59 -20.22
O CSS A 376 -1.00 -1.95 -19.59
N ALA A 377 0.06 -1.69 -21.54
CA ALA A 377 -0.99 -2.30 -22.37
C ALA A 377 -0.35 -2.99 -23.59
N GLN A 378 0.40 -4.05 -23.33
CA GLN A 378 1.16 -4.76 -24.39
C GLN A 378 0.30 -5.40 -25.44
N PRO A 379 -0.80 -6.02 -25.03
CA PRO A 379 -1.66 -6.62 -26.06
C PRO A 379 -2.34 -5.59 -26.98
N LEU A 380 -2.61 -4.40 -26.47
CA LEU A 380 -3.13 -3.33 -27.31
C LEU A 380 -2.15 -2.94 -28.40
N MET A 381 -0.88 -2.97 -28.07
CA MET A 381 0.17 -2.64 -29.04
C MET A 381 0.06 -3.51 -30.29
N GLY A 382 -0.24 -4.80 -30.14
CA GLY A 382 -0.42 -5.71 -31.31
C GLY A 382 -1.64 -5.38 -32.17
N VAL A 383 -2.69 -4.87 -31.51
CA VAL A 383 -3.89 -4.42 -32.19
C VAL A 383 -3.56 -3.15 -32.99
N LEU A 384 -2.88 -2.19 -32.35
CA LEU A 384 -2.49 -0.96 -33.08
C LEU A 384 -1.54 -1.29 -34.22
N ALA A 385 -0.70 -2.30 -34.02
CA ALA A 385 0.26 -2.75 -35.05
C ALA A 385 -0.47 -3.10 -36.33
N LYS A 386 -1.50 -3.92 -36.20
CA LYS A 386 -2.24 -4.38 -37.39
C LYS A 386 -2.86 -3.23 -38.17
N GLY A 387 -3.23 -2.14 -37.50
CA GLY A 387 -3.72 -0.94 -38.21
C GLY A 387 -2.70 0.16 -38.54
N SER A 388 -1.40 -0.09 -38.32
CA SER A 388 -0.37 0.92 -38.58
C SER A 388 -0.03 1.02 -40.07
N LYS A 389 0.15 2.24 -40.55
CA LYS A 389 0.57 2.49 -41.95
C LYS A 389 2.04 2.80 -42.04
N ILE A 390 2.74 2.82 -40.91
CA ILE A 390 4.13 3.13 -40.87
C ILE A 390 4.79 1.86 -40.42
N ASP A 391 6.10 1.93 -40.13
CA ASP A 391 6.82 0.79 -39.57
C ASP A 391 6.72 0.84 -38.06
N PHE A 392 5.86 0.00 -37.53
CA PHE A 392 5.36 0.19 -36.19
C PHE A 392 6.33 -0.40 -35.18
N PRO A 393 6.78 0.40 -34.19
CA PRO A 393 7.82 0.00 -33.22
C PRO A 393 7.39 -0.79 -31.97
N ASN A 394 6.17 -1.34 -32.03
CA ASN A 394 5.56 -2.05 -30.92
C ASN A 394 5.63 -1.21 -29.63
N SER A 395 5.37 0.08 -29.82
CA SER A 395 5.32 1.06 -28.77
C SER A 395 4.95 2.37 -29.39
N THR A 396 4.64 3.32 -28.53
CA THR A 396 4.23 4.63 -28.92
C THR A 396 4.78 5.60 -27.88
N VAL A 397 4.75 6.87 -28.25
CA VAL A 397 4.95 7.97 -27.36
C VAL A 397 3.56 8.34 -26.85
N ARG A 398 3.49 8.92 -25.66
CA ARG A 398 2.22 9.38 -25.17
C ARG A 398 2.35 10.69 -24.46
N ALA A 399 1.59 11.69 -24.92
CA ALA A 399 1.50 12.96 -24.25
C ALA A 399 0.12 13.11 -23.54
N SER A 400 0.12 13.59 -22.30
CA SER A 400 -1.10 13.62 -21.49
C SER A 400 -1.19 14.88 -20.67
N VAL A 401 -2.34 15.52 -20.72
CA VAL A 401 -2.56 16.81 -20.08
C VAL A 401 -3.33 16.69 -18.78
N TYR A 402 -3.22 17.70 -17.95
CA TYR A 402 -4.03 17.81 -16.73
C TYR A 402 -4.15 19.31 -16.30
N LEU A 403 -4.60 19.56 -15.09
CA LEU A 403 -5.00 20.86 -14.61
C LEU A 403 -3.97 21.95 -14.86
N TYR A 404 -2.75 21.76 -14.36
CA TYR A 404 -1.70 22.78 -14.43
C TYR A 404 -1.07 22.94 -15.82
N ASN A 405 -1.63 22.24 -16.83
CA ASN A 405 -1.10 22.36 -18.17
C ASN A 405 -1.80 23.48 -18.99
N THR A 406 -1.09 23.95 -20.00
CA THR A 406 -1.53 25.06 -20.85
C THR A 406 -1.37 24.76 -22.35
N LYS A 407 -2.07 25.53 -23.17
CA LYS A 407 -1.86 25.47 -24.61
C LYS A 407 -0.43 25.76 -25.02
N GLU A 408 0.22 26.71 -24.35
CA GLU A 408 1.66 26.95 -24.64
C GLU A 408 2.49 25.67 -24.42
N ASP A 409 2.10 24.84 -23.43
CA ASP A 409 2.77 23.55 -23.19
C ASP A 409 2.62 22.65 -24.41
N ILE A 410 1.41 22.56 -24.94
CA ILE A 410 1.21 21.75 -26.11
C ILE A 410 2.00 22.27 -27.29
N ASP A 411 2.01 23.59 -27.49
CA ASP A 411 2.81 24.23 -28.56
C ASP A 411 4.30 23.86 -28.46
N VAL A 412 4.87 23.83 -27.25
CA VAL A 412 6.29 23.46 -27.08
C VAL A 412 6.51 22.03 -27.53
N LEU A 413 5.53 21.18 -27.21
CA LEU A 413 5.51 19.79 -27.69
C LEU A 413 5.55 19.68 -29.21
N ILE A 414 4.78 20.54 -29.88
CA ILE A 414 4.62 20.47 -31.33
C ILE A 414 5.93 20.81 -31.97
N GLU A 415 6.52 21.89 -31.48
CA GLU A 415 7.81 22.42 -31.92
C GLU A 415 8.90 21.35 -31.75
N GLY A 416 8.90 20.73 -30.59
CA GLY A 416 9.81 19.67 -30.32
C GLY A 416 9.74 18.58 -31.36
N LEU A 417 8.53 18.16 -31.67
CA LEU A 417 8.33 17.06 -32.58
C LEU A 417 8.80 17.42 -34.00
N LYS A 418 8.70 18.70 -34.35
CA LYS A 418 9.19 19.19 -35.66
C LYS A 418 10.72 19.14 -35.72
N TYR A 419 11.35 19.53 -34.60
CA TYR A 419 12.81 19.46 -34.47
C TYR A 419 13.26 18.01 -34.59
N ILE A 420 12.50 17.10 -33.98
CA ILE A 420 12.88 15.70 -33.96
C ILE A 420 12.75 15.08 -35.35
N ARG A 421 11.74 15.46 -36.11
CA ARG A 421 11.58 14.96 -37.47
C ARG A 421 12.81 15.29 -38.34
N ARG A 422 13.27 16.54 -38.32
CA ARG A 422 14.55 16.96 -38.90
C ARG A 422 15.83 16.25 -38.35
N TRP A 423 15.92 16.02 -37.04
CA TRP A 423 17.15 15.42 -36.48
C TRP A 423 17.50 14.03 -37.08
N PHE A 424 16.50 13.16 -37.25
CA PHE A 424 16.70 11.81 -37.77
C PHE A 424 16.41 11.69 -39.28
N GLU A 425 16.11 12.80 -39.97
CA GLU A 425 16.01 12.80 -41.44
C GLU A 425 17.32 12.34 -42.06
N HIS B 4 22.52 14.59 33.12
CA HIS B 4 21.42 15.29 33.85
C HIS B 4 20.01 14.99 33.30
N MET B 5 19.93 14.24 32.21
CA MET B 5 18.67 13.62 31.74
C MET B 5 18.64 12.10 31.97
N ARG B 6 19.72 11.59 32.57
CA ARG B 6 19.84 10.22 33.10
C ARG B 6 19.99 9.15 32.01
N SER B 7 20.83 9.45 31.02
CA SER B 7 21.26 8.50 30.02
C SER B 7 22.76 8.18 30.12
N THR B 8 23.09 6.90 30.03
CA THR B 8 24.47 6.49 29.90
C THR B 8 24.85 6.49 28.41
N VAL B 9 23.87 6.67 27.52
CA VAL B 9 24.08 6.53 26.08
C VAL B 9 24.28 7.86 25.37
N PHE B 10 23.46 8.87 25.69
CA PHE B 10 23.52 10.17 25.03
C PHE B 10 23.88 11.24 26.03
N SER B 11 24.71 12.19 25.59
CA SER B 11 24.97 13.41 26.34
C SER B 11 23.74 14.30 26.28
N ASP B 12 23.63 15.22 27.22
CA ASP B 12 22.47 16.07 27.30
C ASP B 12 22.26 16.88 26.05
N GLU B 13 23.32 17.41 25.47
CA GLU B 13 23.14 18.20 24.26
C GLU B 13 22.62 17.32 23.11
N GLU B 14 23.28 16.20 22.84
CA GLU B 14 22.89 15.42 21.68
C GLU B 14 21.46 14.84 21.83
N PHE B 15 21.06 14.62 23.06
CA PHE B 15 19.74 14.10 23.38
C PHE B 15 18.73 15.21 23.13
N SER B 16 19.10 16.41 23.55
CA SER B 16 18.26 17.54 23.38
C SER B 16 18.07 17.82 21.88
N ASN B 17 19.11 17.64 21.08
CA ASN B 17 19.00 17.82 19.63
C ASN B 17 18.02 16.82 19.01
N ILE B 18 18.01 15.60 19.57
CA ILE B 18 17.13 14.53 19.11
C ILE B 18 15.67 14.80 19.43
N LEU B 19 15.37 15.22 20.66
CA LEU B 19 14.00 15.55 20.99
C LEU B 19 13.49 16.72 20.15
N ASN B 20 14.39 17.65 19.87
CA ASN B 20 14.08 18.79 19.02
C ASN B 20 13.58 18.40 17.63
N ASP B 21 13.95 17.21 17.13
CA ASP B 21 13.53 16.73 15.82
C ASP B 21 12.07 16.33 15.78
N PHE B 22 11.42 16.23 16.93
CA PHE B 22 10.08 15.66 17.02
C PHE B 22 9.08 16.69 17.50
N PRO B 23 8.49 17.44 16.57
CA PRO B 23 7.68 18.59 16.97
C PRO B 23 6.52 18.25 17.86
N ALA B 24 5.93 17.07 17.69
CA ALA B 24 4.78 16.68 18.50
C ALA B 24 5.09 16.71 19.98
N LEU B 25 6.36 16.48 20.34
CA LEU B 25 6.74 16.51 21.75
C LEU B 25 6.46 17.86 22.42
N LYS B 26 6.24 18.89 21.62
CA LYS B 26 5.84 20.18 22.12
C LYS B 26 4.33 20.38 22.26
N ARG B 27 3.50 19.41 21.90
CA ARG B 27 2.11 19.53 22.22
C ARG B 27 1.91 19.41 23.74
N ASN B 28 0.85 20.05 24.20
CA ASN B 28 0.38 19.95 25.56
C ASN B 28 -1.04 19.40 25.47
N ILE B 29 -1.40 18.54 26.42
CA ILE B 29 -2.77 18.10 26.58
C ILE B 29 -3.24 18.60 27.92
N ASN B 30 -4.19 19.53 27.90
CA ASN B 30 -4.70 20.17 29.10
C ASN B 30 -3.60 20.68 30.07
N GLY B 31 -2.59 21.31 29.54
CA GLY B 31 -1.57 21.90 30.35
C GLY B 31 -0.36 21.03 30.56
N LYS B 32 -0.41 19.77 30.15
CA LYS B 32 0.67 18.79 30.43
C LYS B 32 1.31 18.39 29.12
N ARG B 33 2.63 18.35 29.10
CA ARG B 33 3.35 17.97 27.88
C ARG B 33 3.06 16.51 27.50
N LEU B 34 3.11 16.26 26.20
CA LEU B 34 2.86 14.97 25.62
C LEU B 34 3.91 14.02 26.08
N VAL B 35 3.45 12.94 26.68
CA VAL B 35 4.30 11.85 27.04
C VAL B 35 3.81 10.68 26.23
N TYR B 36 4.52 10.42 25.14
CA TYR B 36 4.08 9.44 24.16
C TYR B 36 4.72 8.08 24.41
N LEU B 37 3.90 7.18 24.96
CA LEU B 37 4.27 5.83 25.25
C LEU B 37 3.43 4.83 24.47
N ASP B 38 3.09 5.14 23.23
CA ASP B 38 2.33 4.23 22.39
C ASP B 38 3.12 3.87 21.14
N ASN B 39 4.44 3.74 21.30
CA ASN B 39 5.35 3.51 20.18
C ASN B 39 5.20 2.13 19.51
N ALA B 40 4.69 1.16 20.25
CA ALA B 40 4.48 -0.15 19.67
C ALA B 40 3.34 -0.19 18.64
N ALA B 41 2.44 0.81 18.63
CA ALA B 41 1.42 0.96 17.60
C ALA B 41 1.92 1.79 16.41
N SER B 42 2.58 2.91 16.73
CA SER B 42 3.28 3.72 15.76
C SER B 42 4.14 4.76 16.47
N THR B 43 5.11 5.30 15.74
CA THR B 43 6.05 6.25 16.27
C THR B 43 5.78 7.65 15.72
N LEU B 44 6.32 8.64 16.43
CA LEU B 44 6.30 10.04 16.00
C LEU B 44 7.35 10.25 14.91
N LYS B 45 7.20 11.32 14.15
CA LYS B 45 7.97 11.58 12.95
C LYS B 45 8.96 12.70 13.16
N CYS B 46 10.07 12.56 12.46
CA CYS B 46 11.19 13.45 12.55
C CYS B 46 11.01 14.54 11.50
N LYS B 47 11.10 15.79 11.92
CA LYS B 47 10.95 16.94 11.00
C LYS B 47 11.92 16.90 9.81
N SER B 48 13.21 16.72 10.04
CA SER B 48 14.12 16.76 8.90
C SER B 48 13.82 15.64 7.86
N VAL B 49 13.41 14.46 8.33
CA VAL B 49 13.00 13.39 7.43
C VAL B 49 11.71 13.71 6.65
N ILE B 50 10.71 14.25 7.32
CA ILE B 50 9.50 14.65 6.64
C ILE B 50 9.77 15.76 5.63
N GLU B 51 10.58 16.75 5.97
CA GLU B 51 10.95 17.80 4.98
C GLU B 51 11.64 17.29 3.71
N LYS B 52 12.48 16.27 3.79
CA LYS B 52 13.05 15.67 2.57
C LYS B 52 11.97 14.93 1.77
N MET B 53 11.07 14.24 2.47
CA MET B 53 9.91 13.65 1.81
C MET B 53 9.10 14.72 1.08
N THR B 54 8.89 15.88 1.69
CA THR B 54 8.05 16.84 1.00
C THR B 54 8.85 17.45 -0.13
N ASP B 55 10.16 17.62 0.06
CA ASP B 55 11.03 18.08 -1.02
C ASP B 55 10.92 17.15 -2.25
N PHE B 56 10.82 15.87 -1.99
CA PHE B 56 10.77 14.91 -3.05
C PHE B 56 9.46 15.05 -3.81
N TYR B 57 8.36 15.11 -3.07
CA TYR B 57 7.03 15.23 -3.66
C TYR B 57 6.94 16.46 -4.54
N LEU B 58 7.42 17.57 -4.03
CA LEU B 58 7.28 18.83 -4.77
C LEU B 58 8.29 19.07 -5.91
N TYR B 59 9.47 18.47 -5.86
CA TYR B 59 10.51 18.84 -6.82
C TYR B 59 11.11 17.73 -7.66
N HIS B 60 11.08 16.49 -7.18
CA HIS B 60 11.74 15.37 -7.85
C HIS B 60 10.80 14.20 -8.05
N TYR B 61 9.49 14.46 -8.13
CA TYR B 61 8.52 13.38 -8.12
C TYR B 61 8.07 13.03 -9.51
N SER B 62 7.90 11.73 -9.76
CA SER B 62 7.20 11.23 -10.96
C SER B 62 7.07 9.76 -10.80
N ASN B 63 6.32 9.08 -11.67
CA ASN B 63 6.28 7.62 -11.58
C ASN B 63 7.60 7.08 -12.07
N ILE B 64 7.83 5.79 -11.85
CA ILE B 64 9.18 5.26 -11.93
C ILE B 64 9.34 4.10 -12.89
N HIS B 65 10.57 3.90 -13.35
CA HIS B 65 10.98 2.75 -14.17
C HIS B 65 10.64 2.82 -15.64
N ARG B 66 9.53 3.40 -16.01
CA ARG B 66 9.11 3.24 -17.40
C ARG B 66 8.98 4.53 -18.21
N ALA B 67 9.93 5.42 -17.99
CA ALA B 67 10.02 6.67 -18.76
C ALA B 67 11.44 7.24 -18.74
N VAL B 68 11.74 8.07 -19.72
CA VAL B 68 13.10 8.61 -19.86
C VAL B 68 13.28 10.10 -19.50
N HIS B 69 12.20 10.75 -19.05
CA HIS B 69 12.25 12.18 -18.76
C HIS B 69 12.92 12.47 -17.41
N THR B 70 13.26 13.73 -17.20
CA THR B 70 14.13 14.14 -16.12
C THR B 70 13.59 13.71 -14.78
N LEU B 71 12.31 13.99 -14.50
CA LEU B 71 11.72 13.66 -13.20
C LEU B 71 11.51 12.16 -12.95
N ALA B 72 11.15 11.44 -14.00
CA ALA B 72 11.10 9.98 -13.91
C ALA B 72 12.48 9.42 -13.60
N SER B 73 13.51 9.98 -14.23
CA SER B 73 14.85 9.50 -13.97
C SER B 73 15.23 9.74 -12.53
N GLU B 74 15.01 10.96 -12.06
CA GLU B 74 15.39 11.31 -10.68
C GLU B 74 14.67 10.44 -9.62
N ALA B 75 13.40 10.15 -9.87
CA ALA B 75 12.58 9.45 -8.91
C ALA B 75 12.92 7.97 -8.85
N THR B 76 13.21 7.41 -10.02
CA THR B 76 13.61 6.01 -10.12
C THR B 76 14.94 5.82 -9.41
N VAL B 77 15.88 6.72 -9.67
CA VAL B 77 17.15 6.66 -8.91
C VAL B 77 16.89 6.76 -7.40
N ALA B 78 16.12 7.75 -6.95
CA ALA B 78 15.87 7.92 -5.51
C ALA B 78 15.29 6.70 -4.90
N TYR B 79 14.28 6.18 -5.59
CA TYR B 79 13.60 4.95 -5.16
C TYR B 79 14.51 3.71 -5.10
N GLU B 80 15.34 3.54 -6.12
CA GLU B 80 16.27 2.40 -6.10
C GLU B 80 17.36 2.58 -5.04
N GLN B 81 17.77 3.82 -4.76
CA GLN B 81 18.69 4.02 -3.62
C GLN B 81 18.03 3.75 -2.27
N ALA B 82 16.72 3.99 -2.13
CA ALA B 82 16.03 3.65 -0.92
C ALA B 82 16.03 2.13 -0.78
N ARG B 83 15.87 1.40 -1.87
CA ARG B 83 15.92 -0.03 -1.76
C ARG B 83 17.29 -0.45 -1.25
N GLU B 84 18.33 0.24 -1.70
CA GLU B 84 19.67 -0.14 -1.30
C GLU B 84 19.90 0.15 0.17
N LYS B 85 19.33 1.23 0.68
CA LYS B 85 19.56 1.59 2.10
C LYS B 85 18.91 0.62 3.02
N VAL B 86 17.74 0.15 2.62
CA VAL B 86 17.05 -0.88 3.37
C VAL B 86 17.84 -2.21 3.30
N ALA B 87 18.33 -2.56 2.12
CA ALA B 87 19.18 -3.73 1.96
C ALA B 87 20.38 -3.68 2.89
N ASN B 88 21.09 -2.55 2.92
CA ASN B 88 22.27 -2.43 3.74
C ASN B 88 21.88 -2.48 5.22
N PHE B 89 20.72 -1.95 5.54
CA PHE B 89 20.24 -1.95 6.92
C PHE B 89 20.05 -3.35 7.47
N LEU B 90 19.61 -4.30 6.65
CA LEU B 90 19.41 -5.68 7.13
C LEU B 90 20.53 -6.66 6.77
N ASN B 91 21.60 -6.16 6.17
CA ASN B 91 22.62 -7.02 5.57
C ASN B 91 22.05 -7.96 4.52
N ALA B 92 21.25 -7.42 3.61
CA ALA B 92 20.78 -8.19 2.49
C ALA B 92 21.20 -7.59 1.16
N SER B 93 20.96 -8.34 0.11
CA SER B 93 21.11 -7.85 -1.24
C SER B 93 19.82 -7.15 -1.68
N SER B 94 19.95 -6.10 -2.48
CA SER B 94 18.79 -5.27 -2.85
C SER B 94 17.77 -6.01 -3.70
N GLU B 95 18.21 -7.00 -4.47
CA GLU B 95 17.25 -7.83 -5.18
C GLU B 95 16.43 -8.73 -4.26
N GLU B 96 16.83 -8.82 -2.99
CA GLU B 96 16.05 -9.54 -1.98
C GLU B 96 15.09 -8.65 -1.19
N ILE B 97 15.03 -7.36 -1.52
CA ILE B 97 14.19 -6.45 -0.80
C ILE B 97 12.94 -6.02 -1.57
N ILE B 98 11.78 -6.26 -0.99
CA ILE B 98 10.52 -5.98 -1.66
C ILE B 98 9.73 -4.97 -0.84
N PHE B 99 9.40 -3.85 -1.46
CA PHE B 99 8.49 -2.90 -0.81
C PHE B 99 7.06 -3.37 -0.91
N THR B 100 6.35 -3.20 0.19
CA THR B 100 4.93 -3.55 0.29
C THR B 100 4.19 -2.40 1.00
N SER B 101 2.93 -2.61 1.33
CA SER B 101 2.17 -1.61 2.05
C SER B 101 2.38 -1.69 3.58
N GLY B 102 2.99 -2.77 4.07
CA GLY B 102 3.17 -2.96 5.48
C GLY B 102 3.45 -4.39 5.85
N THR B 103 3.59 -4.61 7.14
CA THR B 103 3.79 -5.95 7.65
C THR B 103 2.64 -6.82 7.28
N THR B 104 1.43 -6.35 7.52
CA THR B 104 0.29 -7.19 7.27
C THR B 104 0.28 -7.73 5.85
N MET B 105 0.53 -6.86 4.88
CA MET B 105 0.53 -7.31 3.49
C MET B 105 1.61 -8.36 3.25
N GLY B 106 2.80 -8.13 3.80
CA GLY B 106 3.92 -9.02 3.61
C GLY B 106 3.59 -10.45 4.02
N ILE B 107 2.97 -10.59 5.18
CA ILE B 107 2.56 -11.91 5.63
C ILE B 107 1.51 -12.55 4.71
N ASN B 108 0.49 -11.78 4.33
CA ASN B 108 -0.51 -12.28 3.42
C ASN B 108 0.11 -12.70 2.07
N PHE B 109 1.07 -11.90 1.62
CA PHE B 109 1.88 -12.19 0.45
C PHE B 109 2.45 -13.60 0.56
N LEU B 110 3.08 -13.88 1.69
CA LEU B 110 3.74 -15.13 1.91
C LEU B 110 2.81 -16.36 2.06
N VAL B 111 1.68 -16.23 2.76
CA VAL B 111 0.76 -17.36 2.86
C VAL B 111 0.25 -17.73 1.46
N ASN B 112 -0.22 -16.74 0.72
CA ASN B 112 -0.82 -17.02 -0.58
C ASN B 112 0.20 -17.57 -1.56
N SER B 113 1.30 -16.85 -1.66
CA SER B 113 2.30 -17.15 -2.63
C SER B 113 2.95 -18.47 -2.27
N LEU B 114 3.24 -18.71 -1.00
CA LEU B 114 3.79 -20.03 -0.64
C LEU B 114 2.82 -21.16 -1.05
N ALA B 115 1.52 -20.98 -0.79
CA ALA B 115 0.54 -21.96 -1.21
C ALA B 115 0.42 -22.05 -2.76
N LYS B 116 0.29 -20.92 -3.44
CA LYS B 116 0.15 -20.95 -4.91
C LYS B 116 1.43 -21.46 -5.60
N SER B 117 2.59 -21.40 -4.93
CA SER B 117 3.87 -21.84 -5.51
C SER B 117 4.14 -23.34 -5.27
N GLY B 118 3.29 -23.99 -4.48
CA GLY B 118 3.44 -25.40 -4.22
C GLY B 118 4.51 -25.76 -3.19
N ILE B 119 4.92 -24.78 -2.39
CA ILE B 119 5.83 -25.00 -1.30
C ILE B 119 5.02 -25.37 -0.08
N LEU B 120 3.93 -24.65 0.18
CA LEU B 120 3.05 -25.00 1.27
C LEU B 120 1.86 -25.78 0.74
N LYS B 121 1.99 -27.09 0.72
CA LYS B 121 0.98 -27.97 0.12
C LYS B 121 -0.08 -28.32 1.13
N THR B 122 -1.22 -28.81 0.62
CA THR B 122 -2.26 -29.45 1.44
C THR B 122 -1.67 -30.51 2.37
N GLU B 123 -2.16 -30.52 3.60
CA GLU B 123 -1.68 -31.42 4.68
C GLU B 123 -0.35 -31.01 5.33
N ASP B 124 0.38 -30.06 4.76
CA ASP B 124 1.59 -29.59 5.42
C ASP B 124 1.19 -28.82 6.70
N THR B 125 2.18 -28.63 7.55
CA THR B 125 1.97 -27.87 8.78
C THR B 125 2.69 -26.52 8.80
N VAL B 126 1.93 -25.47 9.13
CA VAL B 126 2.54 -24.20 9.50
C VAL B 126 2.56 -24.07 11.01
N LEU B 127 3.74 -23.81 11.56
CA LEU B 127 3.88 -23.59 13.00
C LEU B 127 4.08 -22.09 13.32
N ILE B 128 3.18 -21.56 14.13
CA ILE B 128 3.30 -20.21 14.65
C ILE B 128 3.29 -20.29 16.20
N SER B 129 3.42 -19.17 16.89
CA SER B 129 3.32 -19.15 18.35
C SER B 129 1.97 -18.64 18.80
N GLN B 130 1.66 -18.86 20.07
CA GLN B 130 0.41 -18.38 20.69
C GLN B 130 0.44 -16.87 20.96
N VAL B 131 1.61 -16.24 20.89
CA VAL B 131 1.69 -14.81 21.19
C VAL B 131 1.63 -13.92 19.93
N GLU B 132 1.38 -14.52 18.76
CA GLU B 132 1.39 -13.78 17.51
C GLU B 132 0.34 -12.66 17.42
N HIS B 133 0.75 -11.55 16.82
CA HIS B 133 -0.17 -10.53 16.38
C HIS B 133 -1.17 -11.12 15.34
N HIS B 134 -2.38 -10.60 15.28
CA HIS B 134 -3.34 -11.02 14.25
C HIS B 134 -2.78 -11.04 12.82
N ALA B 135 -1.89 -10.14 12.48
CA ALA B 135 -1.25 -10.16 11.17
C ALA B 135 -0.49 -11.46 10.88
N ASN B 136 0.03 -12.09 11.91
CA ASN B 136 0.77 -13.34 11.76
C ASN B 136 0.01 -14.48 12.38
N LEU B 137 -1.31 -14.40 12.32
CA LEU B 137 -2.14 -15.47 12.81
C LEU B 137 -3.36 -15.62 11.93
N VAL B 138 -4.15 -14.55 11.80
CA VAL B 138 -5.38 -14.59 11.05
C VAL B 138 -5.18 -15.07 9.61
N PRO B 139 -4.14 -14.58 8.91
CA PRO B 139 -3.91 -15.16 7.58
C PRO B 139 -3.74 -16.71 7.53
N TRP B 140 -3.02 -17.28 8.51
CA TRP B 140 -2.70 -18.68 8.45
C TRP B 140 -3.96 -19.42 8.79
N VAL B 141 -4.62 -19.00 9.86
CA VAL B 141 -5.81 -19.69 10.31
C VAL B 141 -6.86 -19.71 9.21
N ARG B 142 -7.22 -18.54 8.70
CA ARG B 142 -8.29 -18.43 7.72
C ARG B 142 -7.98 -19.15 6.41
N LEU B 143 -6.78 -18.94 5.88
CA LEU B 143 -6.39 -19.54 4.61
C LEU B 143 -6.08 -21.04 4.69
N SER B 144 -5.76 -21.55 5.87
CA SER B 144 -5.70 -23.00 6.05
C SER B 144 -6.96 -23.66 5.47
N LYS B 145 -8.10 -22.99 5.61
CA LYS B 145 -9.37 -23.49 5.07
C LYS B 145 -9.54 -23.38 3.55
N PHE B 146 -8.71 -22.62 2.85
CA PHE B 146 -8.81 -22.53 1.40
C PHE B 146 -7.76 -23.38 0.69
N TYR B 147 -6.60 -23.54 1.31
CA TYR B 147 -5.50 -24.26 0.72
C TYR B 147 -5.21 -25.60 1.41
N GLY B 148 -5.91 -25.91 2.49
CA GLY B 148 -5.81 -27.22 3.19
C GLY B 148 -4.59 -27.55 4.05
N PHE B 149 -3.74 -26.59 4.34
CA PHE B 149 -2.64 -26.85 5.28
C PHE B 149 -3.13 -26.79 6.73
N LYS B 150 -2.28 -27.18 7.67
CA LYS B 150 -2.65 -27.13 9.08
C LYS B 150 -1.88 -26.07 9.83
N VAL B 151 -2.50 -25.59 10.91
CA VAL B 151 -1.89 -24.62 11.80
C VAL B 151 -1.68 -25.23 13.18
N ALA B 152 -0.43 -25.25 13.63
CA ALA B 152 -0.14 -25.64 14.99
C ALA B 152 0.59 -24.50 15.75
N TYR B 153 0.62 -24.60 17.08
CA TYR B 153 1.09 -23.53 17.95
C TYR B 153 2.22 -23.95 18.93
N ILE B 154 3.30 -23.20 18.98
CA ILE B 154 4.22 -23.26 20.11
C ILE B 154 3.49 -22.59 21.27
N THR B 155 3.20 -23.30 22.35
CA THR B 155 2.39 -22.73 23.44
C THR B 155 3.13 -21.73 24.32
N ALA B 156 2.37 -20.82 24.94
CA ALA B 156 2.99 -19.89 25.90
C ALA B 156 2.56 -20.21 27.31
N ASP B 157 3.40 -19.83 28.26
CA ASP B 157 3.02 -19.97 29.68
C ASP B 157 1.98 -18.93 30.17
N GLU B 158 1.62 -19.02 31.45
CA GLU B 158 0.62 -18.16 32.10
C GLU B 158 0.85 -16.63 31.97
N LYS B 159 2.10 -16.22 31.91
CA LYS B 159 2.43 -14.82 31.75
C LYS B 159 2.67 -14.49 30.29
N GLY B 160 2.35 -15.40 29.39
CA GLY B 160 2.57 -15.15 27.97
C GLY B 160 3.98 -15.39 27.46
N VAL B 161 4.85 -16.03 28.27
CA VAL B 161 6.25 -16.24 27.86
C VAL B 161 6.41 -17.47 26.96
N ILE B 162 7.31 -17.38 25.99
CA ILE B 162 7.67 -18.51 25.11
C ILE B 162 9.04 -19.03 25.59
N THR B 163 9.05 -20.15 26.29
CA THR B 163 10.28 -20.66 26.90
C THR B 163 11.01 -21.52 25.93
N ASN B 164 12.32 -21.55 26.07
CA ASN B 164 13.11 -22.54 25.36
C ASN B 164 12.51 -23.96 25.41
N GLU B 165 12.02 -24.34 26.60
CA GLU B 165 11.44 -25.67 26.80
C GLU B 165 10.16 -25.86 25.96
N SER B 166 9.37 -24.80 25.77
CA SER B 166 8.18 -24.95 24.97
C SER B 166 8.53 -25.19 23.50
N ILE B 167 9.60 -24.56 23.04
CA ILE B 167 10.03 -24.69 21.67
C ILE B 167 10.53 -26.12 21.38
N LEU B 168 11.41 -26.62 22.25
CA LEU B 168 11.96 -27.97 22.16
C LEU B 168 10.85 -28.98 22.35
N LYS B 169 9.87 -28.66 23.20
CA LYS B 169 8.76 -29.56 23.40
C LYS B 169 7.90 -29.66 22.13
N THR B 170 7.73 -28.55 21.43
CA THR B 170 6.91 -28.56 20.24
C THR B 170 7.63 -29.30 19.09
N LYS B 171 8.94 -29.12 18.99
CA LYS B 171 9.78 -29.93 18.07
C LYS B 171 9.44 -31.42 18.18
N GLU B 172 9.29 -31.91 19.42
CA GLU B 172 8.96 -33.30 19.65
C GLU B 172 7.63 -33.73 19.05
N SER B 173 6.58 -32.92 19.20
CA SER B 173 5.22 -33.24 18.64
C SER B 173 5.07 -32.94 17.13
N ILE B 174 5.88 -32.00 16.63
CA ILE B 174 5.76 -31.48 15.28
C ILE B 174 7.17 -31.29 14.80
N PRO B 175 7.82 -32.37 14.35
CA PRO B 175 9.23 -32.31 14.02
C PRO B 175 9.58 -31.67 12.70
N ASN B 176 8.63 -31.61 11.77
CA ASN B 176 9.02 -31.22 10.43
C ASN B 176 7.94 -30.32 9.78
N PRO B 177 7.68 -29.15 10.40
CA PRO B 177 6.71 -28.18 9.85
C PRO B 177 7.26 -27.60 8.57
N LYS B 178 6.43 -27.48 7.54
CA LYS B 178 6.92 -26.94 6.29
C LYS B 178 7.26 -25.49 6.49
N VAL B 179 6.45 -24.79 7.29
CA VAL B 179 6.68 -23.37 7.49
C VAL B 179 6.72 -23.09 8.98
N VAL B 180 7.63 -22.22 9.40
CA VAL B 180 7.62 -21.71 10.74
C VAL B 180 7.46 -20.18 10.68
N SER B 181 6.39 -19.64 11.26
CA SER B 181 6.20 -18.18 11.27
C SER B 181 6.11 -17.65 12.66
N ILE B 182 7.09 -16.84 13.03
CA ILE B 182 7.26 -16.46 14.39
C ILE B 182 7.53 -14.96 14.50
N THR B 183 7.02 -14.35 15.56
CA THR B 183 7.37 -13.00 15.90
C THR B 183 8.82 -12.86 16.35
N GLY B 184 9.47 -11.79 15.91
CA GLY B 184 10.80 -11.45 16.39
C GLY B 184 10.76 -10.87 17.81
N GLN B 185 9.65 -10.20 18.14
CA GLN B 185 9.39 -9.69 19.49
C GLN B 185 7.92 -9.45 19.63
N SER B 186 7.31 -9.98 20.67
CA SER B 186 5.89 -9.81 20.90
C SER B 186 5.47 -8.36 21.16
N ASN B 187 4.33 -7.96 20.61
CA ASN B 187 3.85 -6.56 20.78
C ASN B 187 3.05 -6.42 22.06
N VAL B 188 2.89 -7.53 22.81
CA VAL B 188 2.22 -7.52 24.13
C VAL B 188 3.17 -7.83 25.28
N THR B 189 4.01 -8.84 25.11
CA THR B 189 4.85 -9.30 26.22
C THR B 189 6.20 -8.64 26.17
N GLY B 190 6.52 -8.01 25.05
CA GLY B 190 7.83 -7.40 24.89
C GLY B 190 8.97 -8.40 24.69
N GLN B 191 8.66 -9.70 24.72
CA GLN B 191 9.69 -10.75 24.68
C GLN B 191 10.38 -10.81 23.34
N GLU B 192 11.70 -10.61 23.32
CA GLU B 192 12.49 -10.82 22.09
C GLU B 192 12.70 -12.33 21.94
N MET B 193 12.22 -12.89 20.83
CA MET B 193 12.21 -14.34 20.64
C MET B 193 13.60 -14.84 20.27
N PRO B 194 13.92 -16.07 20.68
CA PRO B 194 15.24 -16.65 20.41
C PRO B 194 15.30 -17.26 19.00
N ILE B 195 15.61 -16.41 18.04
CA ILE B 195 15.46 -16.73 16.65
C ILE B 195 16.48 -17.79 16.19
N GLU B 196 17.74 -17.66 16.63
CA GLU B 196 18.80 -18.68 16.41
C GLU B 196 18.36 -20.05 16.91
N LEU B 197 17.83 -20.11 18.12
CA LEU B 197 17.34 -21.39 18.63
C LEU B 197 16.21 -21.96 17.76
N ILE B 198 15.38 -21.08 17.22
CA ILE B 198 14.26 -21.50 16.40
C ILE B 198 14.74 -21.97 15.04
N ARG B 199 15.75 -21.28 14.50
CA ARG B 199 16.28 -21.59 13.21
C ARG B 199 16.99 -22.95 13.22
N GLU B 200 17.78 -23.24 14.26
CA GLU B 200 18.56 -24.49 14.32
C GLU B 200 17.68 -25.70 14.69
N THR B 201 16.69 -25.48 15.57
CA THR B 201 15.64 -26.46 15.93
C THR B 201 14.78 -26.87 14.73
N PHE B 202 14.43 -25.93 13.84
CA PHE B 202 13.63 -26.28 12.67
C PHE B 202 14.41 -25.90 11.46
N LYS B 203 15.52 -26.62 11.28
CA LYS B 203 16.46 -26.34 10.20
C LYS B 203 15.92 -26.54 8.81
N ASN B 204 14.88 -27.35 8.64
CA ASN B 204 14.32 -27.57 7.29
C ASN B 204 13.08 -26.76 6.98
N ALA B 205 12.59 -25.99 7.94
CA ALA B 205 11.41 -25.20 7.70
C ALA B 205 11.74 -23.94 6.92
N THR B 206 10.79 -23.51 6.09
CA THR B 206 10.77 -22.14 5.62
C THR B 206 10.45 -21.25 6.87
N LEU B 207 11.43 -20.46 7.31
CA LEU B 207 11.31 -19.69 8.54
C LEU B 207 11.05 -18.24 8.23
N ILE B 208 9.90 -17.77 8.68
CA ILE B 208 9.43 -16.41 8.51
C ILE B 208 9.44 -15.67 9.85
N VAL B 209 10.05 -14.49 9.88
CA VAL B 209 10.02 -13.67 11.07
C VAL B 209 9.27 -12.33 10.88
N ASP B 210 8.24 -12.18 11.69
CA ASP B 210 7.50 -10.94 11.82
C ASP B 210 8.35 -10.00 12.61
N GLY B 211 9.07 -9.09 11.94
CA GLY B 211 9.99 -8.17 12.61
C GLY B 211 9.43 -6.81 13.01
N ALA B 212 8.12 -6.65 12.95
CA ALA B 212 7.50 -5.33 13.11
C ALA B 212 7.92 -4.61 14.39
N GLN B 213 7.95 -5.28 15.55
CA GLN B 213 8.45 -4.65 16.80
C GLN B 213 9.94 -4.73 16.93
N LEU B 214 10.56 -5.72 16.29
CA LEU B 214 11.99 -5.94 16.49
C LEU B 214 12.87 -4.97 15.69
N VAL B 215 12.60 -4.82 14.40
CA VAL B 215 13.48 -4.00 13.53
C VAL B 215 13.67 -2.53 13.99
N PRO B 216 12.65 -1.93 14.61
CA PRO B 216 12.83 -0.53 15.01
C PRO B 216 13.87 -0.21 16.05
N HIS B 217 14.24 -1.13 16.92
CA HIS B 217 15.24 -0.83 17.94
C HIS B 217 16.40 -1.85 18.08
N LYS B 218 16.48 -2.84 17.23
CA LYS B 218 17.54 -3.81 17.33
C LYS B 218 18.06 -4.19 15.96
N LYS B 219 19.40 -4.17 15.82
CA LYS B 219 20.08 -4.62 14.61
C LYS B 219 19.65 -6.03 14.24
N VAL B 220 19.30 -6.17 12.97
CA VAL B 220 18.89 -7.43 12.39
C VAL B 220 19.81 -7.65 11.21
N ASP B 221 20.49 -8.78 11.23
CA ASP B 221 21.37 -9.17 10.14
C ASP B 221 20.74 -10.44 9.57
N VAL B 222 20.07 -10.33 8.45
CA VAL B 222 19.31 -11.48 7.93
C VAL B 222 20.18 -12.65 7.53
N LYS B 223 21.43 -12.41 7.10
CA LYS B 223 22.34 -13.52 6.80
C LYS B 223 22.69 -14.32 8.08
N LYS B 224 23.08 -13.64 9.16
CA LYS B 224 23.49 -14.37 10.36
C LYS B 224 22.34 -15.02 11.14
N LEU B 225 21.14 -14.43 11.09
CA LEU B 225 19.97 -15.14 11.60
C LEU B 225 19.55 -16.31 10.70
N ASP B 226 19.78 -16.17 9.39
CA ASP B 226 19.50 -17.20 8.38
C ASP B 226 18.00 -17.41 8.25
N VAL B 227 17.25 -16.32 8.41
CA VAL B 227 15.82 -16.41 8.24
C VAL B 227 15.57 -16.44 6.74
N ASP B 228 14.54 -17.17 6.34
CA ASP B 228 14.16 -17.25 4.97
C ASP B 228 13.38 -15.99 4.53
N PHE B 229 12.48 -15.56 5.39
CA PHE B 229 11.74 -14.31 5.17
C PHE B 229 11.63 -13.43 6.43
N LEU B 230 11.63 -12.13 6.20
CA LEU B 230 11.49 -11.16 7.26
C LEU B 230 10.63 -9.98 6.79
N VAL B 231 9.66 -9.59 7.63
CA VAL B 231 8.74 -8.46 7.34
C VAL B 231 8.75 -7.43 8.44
N PHE B 232 8.60 -6.17 8.05
CA PHE B 232 8.35 -5.05 8.98
C PHE B 232 7.67 -3.86 8.28
N SER B 233 7.30 -2.87 9.10
CA SER B 233 6.55 -1.71 8.68
C SER B 233 7.33 -0.43 8.91
N GLY B 234 7.38 0.44 7.90
CA GLY B 234 8.06 1.73 8.05
C GLY B 234 7.54 2.60 9.19
N HIS B 235 6.23 2.56 9.46
CA HIS B 235 5.65 3.52 10.39
C HIS B 235 6.04 3.30 11.86
N LYS B 236 6.55 2.10 12.18
CA LYS B 236 7.03 1.79 13.54
C LYS B 236 8.50 2.08 13.77
N ILE B 237 9.18 2.62 12.76
CA ILE B 237 10.60 2.95 12.82
C ILE B 237 10.80 4.39 12.34
N LEU B 238 9.97 5.31 12.85
CA LEU B 238 9.94 6.73 12.46
C LEU B 238 9.49 7.02 11.06
N GLY B 239 9.17 6.00 10.29
CA GLY B 239 8.97 6.21 8.87
C GLY B 239 7.56 6.63 8.51
N PRO B 240 7.33 6.81 7.21
CA PRO B 240 5.99 7.08 6.71
C PRO B 240 5.05 5.92 6.82
N THR B 241 3.76 6.21 6.71
CA THR B 241 2.76 5.17 6.66
C THR B 241 2.67 4.67 5.24
N GLY B 242 2.03 3.51 5.07
CA GLY B 242 1.77 2.96 3.75
C GLY B 242 2.95 2.17 3.17
N ILE B 243 4.01 1.96 3.95
CA ILE B 243 5.22 1.35 3.39
C ILE B 243 5.71 0.29 4.36
N GLY B 244 6.00 -0.87 3.79
CA GLY B 244 6.61 -2.00 4.50
C GLY B 244 7.69 -2.65 3.62
N VAL B 245 8.35 -3.64 4.19
CA VAL B 245 9.46 -4.35 3.57
C VAL B 245 9.27 -5.84 3.76
N LEU B 246 9.60 -6.59 2.72
CA LEU B 246 9.68 -8.04 2.75
C LEU B 246 11.06 -8.45 2.24
N TYR B 247 11.93 -8.92 3.12
CA TYR B 247 13.19 -9.54 2.71
C TYR B 247 12.83 -11.01 2.47
N GLY B 248 13.30 -11.54 1.36
CA GLY B 248 13.32 -13.01 1.19
C GLY B 248 14.66 -13.44 0.63
N LYS B 249 15.13 -14.61 1.00
CA LYS B 249 16.33 -15.16 0.32
C LYS B 249 16.15 -15.23 -1.20
N LYS B 250 17.19 -14.84 -1.91
CA LYS B 250 17.16 -14.81 -3.37
C LYS B 250 16.71 -16.14 -3.94
N ALA B 251 17.26 -17.22 -3.42
CA ALA B 251 16.93 -18.55 -3.92
C ALA B 251 15.46 -18.92 -3.72
N LEU B 252 14.85 -18.49 -2.62
CA LEU B 252 13.42 -18.72 -2.39
C LEU B 252 12.51 -17.78 -3.24
N LEU B 253 12.85 -16.50 -3.26
CA LEU B 253 12.13 -15.53 -4.05
C LEU B 253 12.09 -15.93 -5.53
N GLU B 254 13.16 -16.53 -6.04
CA GLU B 254 13.21 -17.00 -7.43
C GLU B 254 12.14 -18.05 -7.71
N GLN B 255 11.75 -18.82 -6.70
CA GLN B 255 10.79 -19.91 -6.86
C GLN B 255 9.32 -19.49 -6.68
N LEU B 256 9.06 -18.23 -6.29
CA LEU B 256 7.71 -17.86 -5.82
C LEU B 256 6.80 -17.32 -6.91
N GLU B 257 5.53 -17.72 -6.85
CA GLU B 257 4.48 -17.08 -7.64
C GLU B 257 4.25 -15.69 -7.07
N PRO B 258 4.25 -14.67 -7.92
CA PRO B 258 3.90 -13.37 -7.33
C PRO B 258 2.50 -13.39 -6.69
N PHE B 259 2.39 -12.55 -5.68
CA PHE B 259 1.15 -12.37 -4.98
C PHE B 259 0.23 -11.49 -5.80
N LEU B 260 0.68 -10.29 -6.16
CA LEU B 260 -0.19 -9.38 -6.87
C LEU B 260 0.28 -9.29 -8.31
N TYR B 261 -0.65 -9.06 -9.23
CA TYR B 261 -0.33 -8.95 -10.63
C TYR B 261 -0.71 -7.59 -11.18
N GLY B 262 0.09 -7.12 -12.14
CA GLY B 262 -0.22 -5.94 -12.88
C GLY B 262 1.00 -5.40 -13.60
N GLY B 263 1.07 -4.08 -13.70
CA GLY B 263 2.17 -3.42 -14.38
C GLY B 263 3.43 -3.55 -13.59
N GLU B 264 4.56 -3.30 -14.26
CA GLU B 264 5.90 -3.27 -13.66
C GLU B 264 6.48 -4.66 -13.42
N MET B 265 5.66 -5.57 -12.94
CA MET B 265 6.10 -6.90 -12.51
C MET B 265 6.06 -7.95 -13.63
N ILE B 266 5.63 -7.54 -14.81
CA ILE B 266 5.55 -8.46 -15.92
C ILE B 266 6.75 -8.25 -16.83
N ASP B 267 6.96 -9.22 -17.72
CA ASP B 267 7.95 -9.11 -18.78
C ASP B 267 7.15 -9.08 -20.05
N LYS B 268 6.51 -10.19 -20.38
CA LYS B 268 5.70 -10.26 -21.59
C LYS B 268 4.24 -10.53 -21.24
N VAL B 269 3.33 -9.75 -21.81
CA VAL B 269 1.93 -9.92 -21.55
C VAL B 269 1.26 -10.18 -22.89
N THR B 270 0.50 -11.27 -22.99
CA THR B 270 -0.44 -11.44 -24.08
C THR B 270 -1.84 -11.57 -23.49
N PHE B 271 -2.85 -11.63 -24.37
CA PHE B 271 -4.26 -11.84 -23.97
C PHE B 271 -4.49 -13.13 -23.26
N GLU B 272 -3.58 -14.08 -23.46
CA GLU B 272 -3.71 -15.48 -22.99
C GLU B 272 -2.63 -15.84 -21.94
N ASP B 273 -1.49 -15.16 -22.01
CA ASP B 273 -0.32 -15.50 -21.20
C ASP B 273 0.43 -14.35 -20.62
N VAL B 274 1.10 -14.62 -19.52
CA VAL B 274 1.98 -13.64 -18.92
C VAL B 274 3.26 -14.31 -18.46
N THR B 275 4.38 -13.61 -18.62
CA THR B 275 5.64 -13.98 -17.99
C THR B 275 6.11 -12.81 -17.10
N PHE B 276 7.06 -13.06 -16.20
CA PHE B 276 7.41 -12.09 -15.18
C PHE B 276 8.78 -11.48 -15.29
N ASN B 277 8.88 -10.29 -14.69
CA ASN B 277 10.11 -9.50 -14.67
C ASN B 277 11.05 -10.19 -13.71
N VAL B 278 12.31 -9.76 -13.71
CA VAL B 278 13.33 -10.21 -12.73
C VAL B 278 13.09 -9.68 -11.30
N LEU B 279 13.85 -10.19 -10.34
CA LEU B 279 13.78 -9.68 -8.97
C LEU B 279 14.46 -8.33 -8.92
N PRO B 280 13.98 -7.44 -8.06
CA PRO B 280 12.79 -7.72 -7.22
C PRO B 280 11.46 -7.29 -7.87
N TYR B 281 11.51 -6.72 -9.07
CA TYR B 281 10.35 -6.06 -9.71
C TYR B 281 9.17 -6.98 -9.91
N ARG B 282 9.44 -8.26 -10.03
CA ARG B 282 8.43 -9.29 -10.11
C ARG B 282 7.39 -9.25 -8.97
N PHE B 283 7.77 -8.74 -7.83
CA PHE B 283 6.90 -8.73 -6.65
C PHE B 283 6.34 -7.34 -6.30
N GLU B 284 6.57 -6.35 -7.15
CA GLU B 284 5.98 -4.98 -6.97
C GLU B 284 4.98 -4.72 -8.10
N ALA B 285 3.72 -5.01 -7.83
CA ALA B 285 2.70 -4.85 -8.88
C ALA B 285 2.20 -3.42 -8.81
N GLY B 286 2.19 -2.74 -9.94
CA GLY B 286 1.70 -1.37 -10.02
C GLY B 286 2.57 -0.32 -9.34
N THR B 287 2.11 0.93 -9.35
CA THR B 287 2.84 2.01 -8.71
C THR B 287 2.90 1.73 -7.21
N GLN B 288 4.12 1.66 -6.70
CA GLN B 288 4.34 1.47 -5.28
C GLN B 288 4.20 2.81 -4.53
N HIS B 289 4.27 2.74 -3.20
CA HIS B 289 4.38 3.94 -2.41
C HIS B 289 5.79 4.56 -2.63
N ILE B 290 5.92 5.30 -3.73
CA ILE B 290 7.24 5.77 -4.13
C ILE B 290 7.84 6.67 -3.06
N THR B 291 7.09 7.65 -2.61
CA THR B 291 7.58 8.64 -1.67
C THR B 291 7.75 8.04 -0.29
N GLY B 292 6.96 7.02 0.02
CA GLY B 292 7.12 6.31 1.25
C GLY B 292 8.43 5.54 1.35
N ALA B 293 8.83 4.89 0.25
CA ALA B 293 10.07 4.13 0.22
C ALA B 293 11.22 5.08 0.35
N VAL B 294 11.15 6.19 -0.34
CA VAL B 294 12.20 7.20 -0.30
C VAL B 294 12.32 7.77 1.12
N GLY B 295 11.16 8.02 1.74
CA GLY B 295 11.10 8.46 3.12
C GLY B 295 11.63 7.43 4.08
N LEU B 296 11.27 6.16 3.89
CA LEU B 296 11.87 5.09 4.67
C LEU B 296 13.40 5.08 4.53
N GLY B 297 13.91 5.31 3.34
CA GLY B 297 15.35 5.46 3.19
C GLY B 297 15.92 6.61 3.99
N TYR B 298 15.32 7.79 3.92
CA TYR B 298 15.83 8.94 4.70
C TYR B 298 15.71 8.70 6.21
N THR B 299 14.71 7.90 6.59
CA THR B 299 14.51 7.53 7.98
C THR B 299 15.66 6.64 8.48
N ILE B 300 15.96 5.65 7.67
CA ILE B 300 17.16 4.85 7.91
C ILE B 300 18.45 5.72 7.99
N ASP B 301 18.58 6.66 7.08
CA ASP B 301 19.73 7.54 7.16
C ASP B 301 19.73 8.30 8.49
N TYR B 302 18.58 8.77 8.95
CA TYR B 302 18.52 9.57 10.16
C TYR B 302 18.94 8.75 11.35
N LEU B 303 18.40 7.54 11.45
CA LEU B 303 18.73 6.67 12.57
C LEU B 303 20.23 6.34 12.57
N GLU B 304 20.78 6.10 11.39
CA GLU B 304 22.20 5.84 11.23
C GLU B 304 23.07 7.02 11.57
N SER B 305 22.65 8.23 11.24
CA SER B 305 23.41 9.42 11.66
C SER B 305 23.46 9.56 13.21
N ILE B 306 22.43 9.07 13.92
CA ILE B 306 22.48 9.00 15.37
C ILE B 306 23.41 7.91 15.84
N GLY B 307 23.39 6.78 15.14
CA GLY B 307 24.08 5.56 15.54
C GLY B 307 23.08 4.53 16.03
N PHE B 308 22.89 3.46 15.27
CA PHE B 308 21.82 2.51 15.58
C PHE B 308 22.07 1.73 16.87
N GLU B 309 23.35 1.40 17.12
CA GLU B 309 23.78 0.84 18.40
C GLU B 309 23.39 1.72 19.62
N LYS B 310 23.47 3.04 19.45
CA LYS B 310 23.00 3.95 20.51
C LYS B 310 21.51 3.87 20.74
N VAL B 311 20.73 3.78 19.66
CA VAL B 311 19.26 3.65 19.75
C VAL B 311 18.94 2.36 20.45
N GLU B 312 19.59 1.28 20.00
CA GLU B 312 19.39 0.03 20.65
C GLU B 312 19.69 0.10 22.19
N LYS B 313 20.83 0.67 22.59
CA LYS B 313 21.16 0.76 24.00
C LYS B 313 20.26 1.71 24.74
N HIS B 314 19.83 2.79 24.09
CA HIS B 314 18.95 3.72 24.75
C HIS B 314 17.60 3.11 25.05
N VAL B 315 17.07 2.35 24.11
CA VAL B 315 15.81 1.67 24.36
C VAL B 315 15.97 0.56 25.40
N GLU B 316 17.08 -0.15 25.39
CA GLU B 316 17.38 -1.09 26.45
C GLU B 316 17.30 -0.43 27.82
N GLU B 317 18.02 0.67 27.98
CA GLU B 317 18.04 1.40 29.23
C GLU B 317 16.66 1.93 29.65
N LEU B 318 15.85 2.42 28.71
CA LEU B 318 14.48 2.82 29.07
C LEU B 318 13.62 1.62 29.43
N SER B 319 13.83 0.52 28.70
CA SER B 319 13.04 -0.68 28.90
C SER B 319 13.23 -1.21 30.32
N ASN B 320 14.49 -1.31 30.72
CA ASN B 320 14.80 -1.75 32.06
C ASN B 320 14.21 -0.88 33.09
N TYR B 321 14.36 0.42 32.94
CA TYR B 321 13.78 1.37 33.88
C TYR B 321 12.24 1.25 34.00
N LEU B 322 11.57 1.18 32.86
CA LEU B 322 10.13 1.09 32.85
C LEU B 322 9.73 -0.18 33.58
N LEU B 323 10.43 -1.26 33.30
CA LEU B 323 10.13 -2.55 33.92
C LEU B 323 10.28 -2.47 35.44
N GLU B 324 11.43 -1.93 35.87
CA GLU B 324 11.67 -1.72 37.29
C GLU B 324 10.61 -0.89 38.01
N LYS B 325 10.27 0.25 37.44
CA LYS B 325 9.25 1.11 38.05
C LYS B 325 7.88 0.46 38.00
N MET B 326 7.58 -0.28 36.96
CA MET B 326 6.26 -0.89 36.91
C MET B 326 6.17 -2.00 37.97
N MET B 327 7.24 -2.78 38.08
CA MET B 327 7.37 -3.84 39.10
C MET B 327 7.28 -3.35 40.57
N GLU B 328 7.66 -2.11 40.86
CA GLU B 328 7.54 -1.61 42.22
C GLU B 328 6.13 -1.36 42.66
N LEU B 329 5.16 -1.43 41.76
CA LEU B 329 3.81 -1.07 42.12
C LEU B 329 2.96 -2.28 42.56
N ASP B 330 2.43 -2.22 43.79
CA ASP B 330 1.71 -3.37 44.35
C ASP B 330 0.34 -3.60 43.73
N PHE B 331 -0.18 -2.64 42.96
CA PHE B 331 -1.56 -2.70 42.52
C PHE B 331 -1.61 -2.97 41.02
N VAL B 332 -0.48 -3.34 40.45
CA VAL B 332 -0.37 -3.59 39.03
C VAL B 332 0.04 -5.04 38.75
N GLU B 333 -0.58 -5.67 37.78
CA GLU B 333 -0.17 -6.98 37.31
C GLU B 333 0.54 -6.78 35.99
N VAL B 334 1.75 -7.31 35.87
CA VAL B 334 2.56 -7.16 34.68
C VAL B 334 2.63 -8.49 33.90
N TYR B 335 2.71 -8.44 32.56
CA TYR B 335 2.75 -9.64 31.71
C TYR B 335 4.07 -9.70 30.97
N GLY B 336 4.46 -10.89 30.55
CA GLY B 336 5.77 -11.08 29.92
C GLY B 336 6.86 -11.56 30.84
N PRO B 337 8.04 -11.83 30.29
CA PRO B 337 9.18 -12.31 31.08
C PRO B 337 9.78 -11.20 31.90
N ILE B 338 10.21 -11.51 33.10
CA ILE B 338 11.01 -10.53 33.80
C ILE B 338 12.46 -10.93 33.59
N ASP B 339 13.01 -10.52 32.45
CA ASP B 339 14.41 -10.81 32.12
C ASP B 339 14.96 -9.98 30.98
N SER B 340 16.21 -10.23 30.63
CA SER B 340 16.87 -9.51 29.59
C SER B 340 16.18 -9.63 28.24
N SER B 341 15.37 -10.65 28.02
CA SER B 341 14.62 -10.73 26.74
C SER B 341 13.44 -9.74 26.62
N HIS B 342 13.01 -9.15 27.74
CA HIS B 342 11.95 -8.17 27.75
C HIS B 342 12.41 -6.79 27.33
N LYS B 343 11.90 -6.27 26.23
CA LYS B 343 12.25 -4.91 25.79
C LYS B 343 11.03 -4.14 25.29
N SER B 344 11.25 -2.85 25.06
CA SER B 344 10.35 -1.96 24.34
C SER B 344 9.12 -1.52 25.07
N LEU B 345 8.39 -2.45 25.69
CA LEU B 345 6.98 -2.27 26.07
C LEU B 345 6.59 -3.12 27.27
N VAL B 346 5.67 -2.61 28.08
CA VAL B 346 5.11 -3.35 29.15
C VAL B 346 3.62 -3.35 29.06
N SER B 347 3.04 -4.54 28.98
CA SER B 347 1.61 -4.68 29.14
C SER B 347 1.25 -4.96 30.60
N PHE B 348 0.15 -4.39 31.06
CA PHE B 348 -0.18 -4.48 32.45
C PHE B 348 -1.64 -4.15 32.68
N ASN B 349 -2.13 -4.49 33.86
CA ASN B 349 -3.45 -4.03 34.30
C ASN B 349 -3.38 -3.37 35.66
N VAL B 350 -4.24 -2.40 35.88
CA VAL B 350 -4.35 -1.75 37.17
C VAL B 350 -5.45 -2.47 37.91
N LYS B 351 -5.18 -2.91 39.13
CA LYS B 351 -6.17 -3.62 39.93
C LYS B 351 -7.44 -2.74 40.14
N GLY B 352 -8.59 -3.30 39.73
CA GLY B 352 -9.91 -2.66 39.92
C GLY B 352 -10.37 -1.72 38.82
N VAL B 353 -9.57 -1.50 37.76
CA VAL B 353 -9.79 -0.43 36.81
C VAL B 353 -9.62 -0.93 35.39
N HIS B 354 -10.61 -0.67 34.54
CA HIS B 354 -10.54 -1.15 33.17
C HIS B 354 -9.46 -0.38 32.40
N PRO B 355 -8.74 -1.06 31.48
CA PRO B 355 -7.71 -0.36 30.70
C PRO B 355 -8.20 0.90 30.03
N HIS B 356 -9.38 0.88 29.46
CA HIS B 356 -9.91 2.08 28.79
C HIS B 356 -9.90 3.27 29.71
N ASP B 357 -10.36 3.06 30.94
CA ASP B 357 -10.36 4.14 31.90
C ASP B 357 -8.94 4.52 32.34
N VAL B 358 -8.05 3.54 32.47
CA VAL B 358 -6.67 3.80 32.81
C VAL B 358 -6.09 4.71 31.74
N SER B 359 -6.14 4.24 30.49
CA SER B 359 -5.57 5.00 29.33
C SER B 359 -6.21 6.36 29.11
N HIS B 360 -7.53 6.43 29.22
CA HIS B 360 -8.24 7.70 29.22
C HIS B 360 -7.71 8.69 30.26
N ILE B 361 -7.68 8.26 31.52
CA ILE B 361 -7.23 9.16 32.57
C ILE B 361 -5.77 9.56 32.40
N LEU B 362 -4.92 8.66 31.93
CA LEU B 362 -3.51 8.99 31.71
C LEU B 362 -3.34 10.06 30.63
N ASP B 363 -4.19 10.01 29.59
CA ASP B 363 -4.15 11.05 28.57
C ASP B 363 -4.72 12.36 29.07
N GLU B 364 -5.98 12.37 29.46
CA GLU B 364 -6.68 13.61 29.82
C GLU B 364 -6.00 14.35 30.98
N ASN B 365 -5.61 13.62 32.04
CA ASN B 365 -5.02 14.22 33.28
C ASN B 365 -3.49 14.29 33.35
N PHE B 366 -2.78 13.49 32.56
CA PHE B 366 -1.33 13.50 32.59
C PHE B 366 -0.63 13.58 31.23
N GLY B 367 -1.39 13.66 30.15
CA GLY B 367 -0.84 13.81 28.83
C GLY B 367 -0.15 12.56 28.29
N VAL B 368 -0.34 11.44 28.98
CA VAL B 368 0.39 10.23 28.68
C VAL B 368 -0.38 9.39 27.71
N ALA B 369 0.26 8.99 26.61
CA ALA B 369 -0.36 8.12 25.59
C ALA B 369 0.00 6.62 25.79
N THR B 370 -1.03 5.78 25.85
CA THR B 370 -0.91 4.34 25.98
C THR B 370 -2.09 3.63 25.28
N ARG B 371 -1.87 2.39 24.85
CA ARG B 371 -2.91 1.61 24.27
C ARG B 371 -3.65 0.86 25.32
N SER B 372 -4.92 0.63 25.04
CA SER B 372 -5.78 -0.13 25.89
C SER B 372 -6.67 -1.06 25.06
N GLY B 373 -6.54 -2.36 25.31
CA GLY B 373 -7.35 -3.37 24.64
C GLY B 373 -6.62 -4.69 24.39
N HIS B 374 -6.98 -5.33 23.27
CA HIS B 374 -6.45 -6.63 22.87
C HIS B 374 -5.03 -6.50 22.29
N HIS B 375 -4.67 -5.30 21.80
CA HIS B 375 -3.39 -5.08 21.09
C HIS B 375 -3.23 -6.03 19.90
N CSS B 376 -4.32 -6.21 19.17
CA CSS B 376 -4.40 -7.12 18.00
CB CSS B 376 -3.87 -6.46 16.71
SG CSS B 376 -4.86 -5.09 16.11
SD CSS B 376 -6.79 -5.78 16.05
C CSS B 376 -3.81 -8.49 18.36
O CSS B 376 -3.16 -9.11 17.52
N ALA B 377 -4.07 -8.98 19.59
CA ALA B 377 -3.74 -10.35 19.98
C ALA B 377 -4.82 -10.98 20.89
N GLN B 378 -6.07 -11.10 20.40
CA GLN B 378 -7.11 -11.79 21.18
C GLN B 378 -6.71 -13.16 21.78
N PRO B 379 -6.05 -14.04 20.99
CA PRO B 379 -5.89 -15.38 21.57
C PRO B 379 -4.90 -15.36 22.73
N LEU B 380 -3.89 -14.52 22.65
CA LEU B 380 -2.99 -14.36 23.74
C LEU B 380 -3.72 -13.81 24.99
N MET B 381 -4.81 -13.05 24.83
CA MET B 381 -5.54 -12.57 26.02
C MET B 381 -6.06 -13.74 26.89
N GLY B 382 -6.55 -14.79 26.24
CA GLY B 382 -7.00 -15.97 26.99
C GLY B 382 -5.88 -16.71 27.72
N VAL B 383 -4.69 -16.72 27.15
CA VAL B 383 -3.55 -17.30 27.84
C VAL B 383 -3.20 -16.49 29.09
N LEU B 384 -3.25 -15.16 28.98
CA LEU B 384 -2.95 -14.28 30.09
C LEU B 384 -4.04 -14.36 31.13
N ALA B 385 -5.26 -14.59 30.72
CA ALA B 385 -6.38 -14.65 31.67
C ALA B 385 -6.21 -15.81 32.68
N LYS B 386 -5.68 -16.93 32.20
CA LYS B 386 -5.47 -18.12 33.03
C LYS B 386 -4.36 -17.92 34.05
N GLY B 387 -3.44 -17.01 33.78
CA GLY B 387 -2.38 -16.69 34.74
C GLY B 387 -2.68 -15.48 35.62
N SER B 388 -3.85 -14.87 35.48
CA SER B 388 -4.14 -13.60 36.16
C SER B 388 -4.56 -13.85 37.63
N LYS B 389 -4.19 -12.93 38.52
CA LYS B 389 -4.58 -13.00 39.92
C LYS B 389 -5.57 -11.90 40.26
N ILE B 390 -6.11 -11.24 39.26
CA ILE B 390 -7.11 -10.20 39.46
C ILE B 390 -8.33 -10.55 38.64
N ASP B 391 -9.33 -9.67 38.68
CA ASP B 391 -10.47 -9.75 37.80
C ASP B 391 -10.03 -9.27 36.40
N PHE B 392 -9.69 -10.23 35.53
CA PHE B 392 -9.00 -9.91 34.30
C PHE B 392 -10.02 -9.48 33.25
N PRO B 393 -9.86 -8.26 32.69
CA PRO B 393 -10.83 -7.67 31.74
C PRO B 393 -10.71 -8.10 30.27
N ASN B 394 -9.93 -9.14 30.01
CA ASN B 394 -9.70 -9.61 28.65
C ASN B 394 -9.02 -8.55 27.78
N SER B 395 -8.25 -7.68 28.42
CA SER B 395 -7.52 -6.60 27.76
C SER B 395 -6.45 -6.11 28.68
N THR B 396 -5.74 -5.09 28.24
CA THR B 396 -4.53 -4.69 28.87
C THR B 396 -4.22 -3.24 28.50
N VAL B 397 -3.53 -2.56 29.42
CA VAL B 397 -2.82 -1.34 29.14
C VAL B 397 -1.42 -1.66 28.61
N ARG B 398 -0.94 -0.84 27.69
CA ARG B 398 0.38 -1.07 27.17
C ARG B 398 1.06 0.27 27.06
N ALA B 399 2.20 0.38 27.75
CA ALA B 399 3.13 1.48 27.58
C ALA B 399 4.38 0.96 26.90
N SER B 400 4.83 1.69 25.90
CA SER B 400 6.01 1.30 25.12
C SER B 400 6.87 2.51 24.82
N VAL B 401 8.18 2.29 24.86
CA VAL B 401 9.17 3.31 24.73
C VAL B 401 9.93 3.23 23.40
N TYR B 402 10.44 4.40 23.00
CA TYR B 402 11.27 4.52 21.85
C TYR B 402 12.35 5.66 22.02
N LEU B 403 13.00 6.00 20.90
CA LEU B 403 14.17 6.84 20.88
C LEU B 403 14.04 8.15 21.64
N TYR B 404 12.90 8.82 21.47
CA TYR B 404 12.70 10.18 21.94
C TYR B 404 12.11 10.18 23.35
N ASN B 405 11.98 9.01 23.98
CA ASN B 405 11.48 8.95 25.34
C ASN B 405 12.61 9.12 26.38
N THR B 406 12.21 9.37 27.61
CA THR B 406 13.14 9.59 28.69
C THR B 406 12.66 8.89 29.93
N LYS B 407 13.52 8.82 30.92
CA LYS B 407 13.11 8.29 32.19
C LYS B 407 12.07 9.17 32.83
N GLU B 408 12.14 10.47 32.60
CA GLU B 408 11.12 11.39 33.04
C GLU B 408 9.73 11.07 32.47
N ASP B 409 9.66 10.70 31.18
CA ASP B 409 8.39 10.20 30.61
C ASP B 409 7.82 9.11 31.48
N ILE B 410 8.66 8.17 31.81
CA ILE B 410 8.22 6.99 32.55
C ILE B 410 7.75 7.33 33.97
N ASP B 411 8.42 8.27 34.63
CA ASP B 411 8.02 8.72 35.96
C ASP B 411 6.65 9.35 35.90
N VAL B 412 6.32 10.03 34.79
CA VAL B 412 5.00 10.63 34.68
C VAL B 412 3.95 9.53 34.56
N LEU B 413 4.23 8.49 33.76
CA LEU B 413 3.35 7.31 33.72
C LEU B 413 3.10 6.80 35.12
N ILE B 414 4.17 6.75 35.93
CA ILE B 414 4.06 6.20 37.28
C ILE B 414 3.19 7.08 38.17
N GLU B 415 3.41 8.38 38.11
CA GLU B 415 2.55 9.31 38.83
C GLU B 415 1.09 9.07 38.47
N GLY B 416 0.80 9.08 37.16
CA GLY B 416 -0.57 8.87 36.68
C GLY B 416 -1.22 7.59 37.20
N LEU B 417 -0.48 6.49 37.16
CA LEU B 417 -1.06 5.23 37.59
C LEU B 417 -1.34 5.25 39.08
N LYS B 418 -0.45 5.82 39.89
CA LYS B 418 -0.74 5.99 41.33
C LYS B 418 -1.97 6.87 41.58
N TYR B 419 -2.23 7.84 40.70
CA TYR B 419 -3.39 8.71 40.83
C TYR B 419 -4.65 7.94 40.48
N ILE B 420 -4.58 7.11 39.47
CA ILE B 420 -5.73 6.32 39.08
C ILE B 420 -6.04 5.32 40.21
N ARG B 421 -5.00 4.71 40.78
CA ARG B 421 -5.18 3.80 41.90
C ARG B 421 -5.86 4.50 43.05
N ARG B 422 -5.37 5.67 43.42
CA ARG B 422 -5.84 6.34 44.63
C ARG B 422 -7.28 6.85 44.48
N TRP B 423 -7.58 7.51 43.38
CA TRP B 423 -8.90 8.09 43.18
C TRP B 423 -9.48 7.30 42.05
N PHE B 424 -10.75 7.48 41.78
CA PHE B 424 -11.38 6.68 40.71
C PHE B 424 -12.00 5.43 41.32
N GLU B 425 -13.18 5.64 41.92
CA GLU B 425 -14.03 4.58 42.46
C GLU B 425 -14.86 3.93 41.33
N GLY C 1 24.68 18.14 -36.09
CA GLY C 1 24.48 19.46 -35.41
C GLY C 1 24.98 19.29 -33.98
N SER C 2 24.84 20.32 -33.16
CA SER C 2 25.02 20.14 -31.71
C SER C 2 23.98 19.14 -31.13
N HIS C 3 24.38 18.48 -30.05
CA HIS C 3 23.67 17.33 -29.49
C HIS C 3 24.13 17.15 -28.06
N MET C 4 23.41 16.30 -27.37
CA MET C 4 23.83 15.86 -26.08
C MET C 4 24.19 14.36 -26.16
N ILE C 5 23.29 13.46 -25.80
CA ILE C 5 23.60 12.02 -25.89
C ILE C 5 23.85 11.50 -27.32
N TYR C 6 23.13 12.02 -28.30
CA TYR C 6 23.21 11.49 -29.67
C TYR C 6 24.48 12.01 -30.42
N SER C 7 25.62 11.42 -30.06
CA SER C 7 26.91 11.81 -30.57
C SER C 7 27.04 11.33 -31.98
N GLU C 8 28.05 11.84 -32.68
CA GLU C 8 28.25 11.50 -34.09
C GLU C 8 28.47 10.01 -34.29
N PHE C 9 29.10 9.35 -33.31
CA PHE C 9 29.38 7.92 -33.38
C PHE C 9 28.08 7.12 -33.24
N ILE C 10 27.27 7.53 -32.27
CA ILE C 10 26.01 6.88 -32.03
C ILE C 10 25.09 7.03 -33.21
N MET C 11 24.98 8.22 -33.77
CA MET C 11 24.13 8.41 -34.93
C MET C 11 24.62 7.54 -36.11
N ASP C 12 25.94 7.47 -36.32
CA ASP C 12 26.49 6.70 -37.46
C ASP C 12 26.18 5.22 -37.34
N TYR C 13 26.45 4.64 -36.16
CA TYR C 13 26.19 3.21 -35.95
C TYR C 13 24.71 2.87 -35.77
N SER C 14 23.86 3.85 -35.46
CA SER C 14 22.41 3.62 -35.42
C SER C 14 21.81 3.38 -36.81
N LYS C 15 22.47 3.88 -37.84
CA LYS C 15 21.95 3.82 -39.21
C LYS C 15 22.49 2.63 -39.97
N LEU C 16 23.33 1.83 -39.33
CA LEU C 16 23.99 0.71 -40.00
C LEU C 16 23.01 -0.42 -40.29
N LYS C 17 23.11 -0.97 -41.50
CA LYS C 17 22.22 -2.02 -42.02
C LYS C 17 22.89 -3.39 -42.16
N LYS C 18 24.20 -3.34 -42.39
CA LYS C 18 25.11 -4.51 -42.51
C LYS C 18 24.72 -5.78 -41.74
N PHE C 19 24.25 -5.62 -40.50
CA PHE C 19 23.94 -6.77 -39.66
C PHE C 19 22.45 -7.06 -39.56
N HIS C 20 21.62 -6.34 -40.31
CA HIS C 20 20.16 -6.51 -40.26
C HIS C 20 19.69 -7.82 -40.94
N GLY C 21 19.13 -8.74 -40.17
CA GLY C 21 18.46 -9.92 -40.75
C GLY C 21 18.44 -11.16 -39.87
N LYS C 22 18.16 -12.32 -40.46
CA LYS C 22 18.33 -13.58 -39.75
C LYS C 22 19.27 -14.47 -40.52
N ILE C 23 19.76 -15.49 -39.84
CA ILE C 23 20.50 -16.57 -40.47
C ILE C 23 19.57 -17.79 -40.61
N GLU C 24 19.45 -18.31 -41.82
CA GLU C 24 18.70 -19.54 -42.05
C GLU C 24 19.52 -20.70 -41.50
N ASN C 25 18.90 -21.54 -40.68
CA ASN C 25 19.58 -22.65 -39.99
C ASN C 25 20.69 -22.12 -39.10
N ALA C 26 20.31 -21.74 -37.90
CA ALA C 26 21.19 -21.02 -37.00
C ALA C 26 21.59 -21.95 -35.87
N HIS C 27 22.84 -21.86 -35.42
CA HIS C 27 23.32 -22.60 -34.25
C HIS C 27 22.85 -21.99 -32.91
N LYS C 28 22.27 -20.77 -32.94
CA LYS C 28 21.69 -20.14 -31.74
C LYS C 28 20.74 -18.97 -32.09
N VAL C 29 19.66 -18.87 -31.32
CA VAL C 29 18.70 -17.82 -31.50
C VAL C 29 18.16 -17.47 -30.12
N GLU C 30 18.39 -16.21 -29.69
CA GLU C 30 17.98 -15.74 -28.38
C GLU C 30 17.17 -14.45 -28.53
N GLU C 31 15.95 -14.44 -28.02
CA GLU C 31 15.12 -13.25 -28.03
C GLU C 31 15.43 -12.51 -26.73
N GLY C 32 15.61 -11.20 -26.82
CA GLY C 32 15.79 -10.41 -25.62
C GLY C 32 14.50 -10.28 -24.84
N LYS C 33 14.64 -10.26 -23.52
CA LYS C 33 13.53 -9.88 -22.64
C LYS C 33 13.10 -8.45 -22.97
N ASN C 34 11.89 -8.09 -22.57
CA ASN C 34 11.44 -6.73 -22.71
C ASN C 34 11.65 -5.93 -21.41
N LEU C 35 12.88 -5.93 -20.91
CA LEU C 35 13.25 -5.08 -19.77
C LEU C 35 13.67 -3.66 -20.21
N SER C 36 13.41 -3.30 -21.47
CA SER C 36 13.86 -2.04 -22.04
C SER C 36 12.72 -1.23 -22.69
N CSS C 37 11.48 -1.42 -22.25
CA CSS C 37 10.32 -0.60 -22.67
CB CSS C 37 10.44 0.89 -22.21
SG CSS C 37 10.74 1.25 -20.49
SD CSS C 37 11.90 2.95 -20.56
C CSS C 37 10.00 -0.66 -24.16
O CSS C 37 9.62 0.35 -24.75
N GLY C 38 10.14 -1.83 -24.78
CA GLY C 38 9.77 -1.97 -26.20
C GLY C 38 10.88 -1.78 -27.21
N ASP C 39 12.12 -1.96 -26.76
CA ASP C 39 13.25 -2.15 -27.64
C ASP C 39 13.35 -3.66 -27.80
N GLU C 40 13.56 -4.16 -28.99
CA GLU C 40 13.62 -5.60 -29.18
C GLU C 40 14.88 -5.99 -29.94
N VAL C 41 15.56 -7.02 -29.46
CA VAL C 41 16.63 -7.64 -30.21
C VAL C 41 16.44 -9.14 -30.19
N THR C 42 16.57 -9.75 -31.36
CA THR C 42 16.67 -11.18 -31.45
C THR C 42 17.95 -11.43 -32.20
N LEU C 43 18.84 -12.19 -31.58
CA LEU C 43 20.17 -12.42 -32.12
C LEU C 43 20.26 -13.82 -32.78
N TYR C 44 20.84 -13.85 -33.98
CA TYR C 44 21.07 -15.07 -34.75
C TYR C 44 22.59 -15.26 -34.94
N PHE C 45 23.15 -16.32 -34.31
CA PHE C 45 24.58 -16.66 -34.44
C PHE C 45 24.90 -17.87 -35.34
N LEU C 46 26.00 -17.77 -36.08
CA LEU C 46 26.75 -18.94 -36.58
C LEU C 46 28.05 -19.02 -35.79
N PHE C 47 28.40 -20.23 -35.34
CA PHE C 47 29.54 -20.41 -34.42
C PHE C 47 30.87 -20.96 -35.02
N ASP C 48 30.89 -22.15 -35.60
CA ASP C 48 32.15 -22.82 -36.05
C ASP C 48 33.08 -23.21 -34.88
N GLY C 49 32.57 -24.06 -33.99
CA GLY C 49 33.29 -24.47 -32.79
C GLY C 49 33.08 -23.54 -31.61
N ASP C 50 34.19 -23.12 -31.00
CA ASP C 50 34.14 -22.26 -29.82
C ASP C 50 34.22 -20.77 -30.19
N LYS C 51 34.53 -20.47 -31.45
CA LYS C 51 34.59 -19.07 -31.93
C LYS C 51 33.18 -18.58 -32.41
N ILE C 52 33.12 -17.34 -32.94
CA ILE C 52 31.87 -16.74 -33.44
C ILE C 52 32.06 -16.17 -34.86
N VAL C 53 31.44 -16.79 -35.87
CA VAL C 53 31.65 -16.42 -37.28
C VAL C 53 30.78 -15.24 -37.69
N ASP C 54 29.45 -15.42 -37.62
CA ASP C 54 28.49 -14.43 -38.11
C ASP C 54 27.34 -14.19 -37.11
N VAL C 55 26.93 -12.92 -37.01
CA VAL C 55 25.83 -12.52 -36.16
C VAL C 55 24.92 -11.61 -36.97
N LYS C 56 23.63 -11.69 -36.69
CA LYS C 56 22.61 -10.84 -37.30
C LYS C 56 21.50 -10.64 -36.28
N PHE C 57 20.62 -9.68 -36.54
CA PHE C 57 19.53 -9.43 -35.59
C PHE C 57 18.34 -8.76 -36.23
N GLU C 58 17.20 -8.91 -35.56
CA GLU C 58 15.99 -8.19 -35.91
C GLU C 58 15.38 -7.59 -34.66
N GLY C 59 14.53 -6.60 -34.88
CA GLY C 59 13.77 -5.99 -33.81
C GLY C 59 13.71 -4.50 -33.99
N HIS C 60 12.58 -3.93 -33.58
CA HIS C 60 12.44 -2.50 -33.51
C HIS C 60 13.19 -2.00 -32.28
N GLY C 61 13.94 -0.92 -32.47
CA GLY C 61 14.78 -0.37 -31.43
C GLY C 61 15.14 1.07 -31.69
N CYS C 62 15.04 1.82 -30.64
CA CYS C 62 15.99 2.84 -30.24
C CYS C 62 17.23 3.10 -31.05
N ALA C 63 17.59 4.37 -31.21
CA ALA C 63 18.88 4.72 -31.79
C ALA C 63 20.06 4.16 -30.97
N ILE C 64 19.94 4.27 -29.66
CA ILE C 64 20.97 3.81 -28.74
C ILE C 64 21.07 2.29 -28.68
N SER C 65 19.95 1.60 -28.57
CA SER C 65 19.99 0.14 -28.59
C SER C 65 20.38 -0.40 -29.95
N GLN C 66 19.98 0.25 -31.02
CA GLN C 66 20.40 -0.19 -32.34
C GLN C 66 21.94 -0.01 -32.54
N ALA C 67 22.43 1.21 -32.33
CA ALA C 67 23.85 1.45 -32.27
C ALA C 67 24.62 0.49 -31.35
N SER C 68 24.15 0.30 -30.12
CA SER C 68 24.82 -0.60 -29.18
C SER C 68 24.91 -1.98 -29.83
N THR C 69 23.84 -2.40 -30.48
CA THR C 69 23.78 -3.73 -31.10
C THR C 69 24.75 -3.85 -32.25
N ASN C 70 24.77 -2.87 -33.12
CA ASN C 70 25.65 -2.91 -34.27
C ASN C 70 27.10 -2.96 -33.83
N VAL C 71 27.48 -2.08 -32.92
CA VAL C 71 28.84 -2.08 -32.43
C VAL C 71 29.17 -3.39 -31.72
N MET C 72 28.25 -3.93 -30.92
CA MET C 72 28.48 -5.19 -30.18
C MET C 72 28.83 -6.30 -31.17
N ILE C 73 28.03 -6.41 -32.22
CA ILE C 73 28.21 -7.44 -33.20
C ILE C 73 29.58 -7.29 -33.81
N GLU C 74 29.88 -6.09 -34.29
CA GLU C 74 31.09 -5.80 -35.06
C GLU C 74 32.37 -6.09 -34.26
N GLN C 75 32.26 -6.19 -32.93
CA GLN C 75 33.42 -6.46 -32.08
C GLN C 75 33.48 -7.89 -31.54
N ILE C 76 32.40 -8.65 -31.69
CA ILE C 76 32.42 -10.06 -31.35
C ILE C 76 32.43 -10.98 -32.57
N ILE C 77 32.57 -10.44 -33.77
CA ILE C 77 32.78 -11.26 -34.96
C ILE C 77 34.23 -11.67 -34.97
N GLY C 78 34.48 -12.99 -34.96
CA GLY C 78 35.82 -13.57 -35.02
C GLY C 78 36.50 -13.61 -33.67
N LYS C 79 35.77 -14.04 -32.65
CA LYS C 79 36.23 -14.01 -31.26
C LYS C 79 35.61 -15.18 -30.50
N THR C 80 36.25 -15.63 -29.44
CA THR C 80 35.70 -16.75 -28.67
C THR C 80 34.47 -16.29 -27.87
N LYS C 81 33.64 -17.23 -27.44
CA LYS C 81 32.49 -16.92 -26.58
C LYS C 81 32.92 -16.23 -25.28
N GLN C 82 34.09 -16.61 -24.76
CA GLN C 82 34.65 -16.00 -23.54
C GLN C 82 35.42 -14.72 -23.89
N GLU C 83 36.05 -14.70 -25.07
CA GLU C 83 36.63 -13.49 -25.68
C GLU C 83 35.50 -12.52 -26.09
N ALA C 84 34.29 -12.74 -25.55
CA ALA C 84 33.10 -11.92 -25.84
C ALA C 84 32.25 -11.68 -24.60
N LEU C 85 32.05 -12.73 -23.80
CA LEU C 85 31.45 -12.57 -22.49
C LEU C 85 32.27 -11.71 -21.52
N GLU C 86 33.55 -11.46 -21.82
CA GLU C 86 34.35 -10.58 -20.95
C GLU C 86 34.24 -9.10 -21.42
N MET C 87 34.08 -8.87 -22.72
CA MET C 87 33.68 -7.57 -23.23
C MET C 87 32.37 -7.24 -22.58
N MET C 88 31.43 -8.17 -22.67
CA MET C 88 30.11 -7.98 -22.11
C MET C 88 30.22 -7.48 -20.68
N LYS C 89 31.09 -8.09 -19.87
CA LYS C 89 31.12 -7.72 -18.44
C LYS C 89 31.71 -6.33 -18.26
N ASN C 90 32.69 -6.01 -19.11
CA ASN C 90 33.28 -4.69 -19.09
C ASN C 90 32.26 -3.64 -19.58
N ALA C 91 31.59 -3.94 -20.70
CA ALA C 91 30.49 -3.14 -21.26
C ALA C 91 29.52 -2.79 -20.17
N GLU C 92 29.11 -3.81 -19.42
CA GLU C 92 28.22 -3.64 -18.28
C GLU C 92 28.85 -2.79 -17.17
N ASN C 93 30.11 -3.08 -16.89
CA ASN C 93 30.88 -2.40 -15.84
C ASN C 93 30.99 -0.91 -16.14
N MET C 94 31.37 -0.58 -17.36
CA MET C 94 31.32 0.79 -17.82
C MET C 94 29.98 1.44 -17.50
N MET C 95 28.90 0.78 -17.93
CA MET C 95 27.57 1.33 -17.80
C MET C 95 27.09 1.51 -16.40
N LEU C 96 27.50 0.65 -15.47
CA LEU C 96 27.03 0.73 -14.08
C LEU C 96 27.95 1.59 -13.23
N GLY C 97 29.01 2.10 -13.85
CA GLY C 97 29.87 3.06 -13.20
C GLY C 97 30.92 2.39 -12.35
N LYS C 98 31.43 1.26 -12.83
CA LYS C 98 32.44 0.50 -12.13
C LYS C 98 33.70 0.48 -12.97
N GLU C 99 34.82 0.07 -12.38
CA GLU C 99 36.06 -0.03 -13.14
C GLU C 99 35.90 -1.05 -14.27
N PHE C 100 36.64 -0.86 -15.35
CA PHE C 100 36.51 -1.71 -16.53
C PHE C 100 37.79 -1.58 -17.32
N ASP C 101 37.96 -2.39 -18.35
CA ASP C 101 39.16 -2.37 -19.15
C ASP C 101 38.90 -1.67 -20.46
N GLU C 102 39.55 -0.53 -20.66
CA GLU C 102 39.40 0.25 -21.89
C GLU C 102 39.73 -0.50 -23.17
N ASN C 103 40.81 -1.29 -23.19
CA ASN C 103 41.30 -1.90 -24.43
C ASN C 103 40.46 -3.06 -24.95
N VAL C 104 39.94 -3.85 -24.02
CA VAL C 104 39.00 -4.93 -24.35
C VAL C 104 37.82 -4.39 -25.18
N LEU C 105 37.28 -3.26 -24.70
CA LEU C 105 36.12 -2.61 -25.31
C LEU C 105 36.35 -1.98 -26.67
N GLY C 106 37.57 -1.52 -26.91
CA GLY C 106 37.81 -0.85 -28.18
C GLY C 106 36.76 0.24 -28.33
N PRO C 107 36.19 0.38 -29.52
CA PRO C 107 35.34 1.55 -29.81
C PRO C 107 34.00 1.56 -29.05
N ILE C 108 33.70 0.50 -28.31
CA ILE C 108 32.57 0.50 -27.36
C ILE C 108 32.67 1.63 -26.32
N ILE C 109 33.90 2.04 -26.02
CA ILE C 109 34.18 3.16 -25.11
C ILE C 109 33.41 4.42 -25.54
N ASN C 110 33.15 4.57 -26.83
CA ASN C 110 32.35 5.70 -27.33
C ASN C 110 30.91 5.78 -26.76
N PHE C 111 30.48 4.74 -26.05
CA PHE C 111 29.19 4.79 -25.36
C PHE C 111 29.34 5.24 -23.91
N TYR C 112 30.52 5.68 -23.52
CA TYR C 112 30.76 6.08 -22.15
C TYR C 112 29.70 7.03 -21.58
N ASP C 113 29.48 8.15 -22.23
CA ASP C 113 28.55 9.16 -21.77
C ASP C 113 27.13 8.59 -21.45
N VAL C 114 26.74 7.51 -22.12
CA VAL C 114 25.45 6.92 -21.88
C VAL C 114 25.33 6.45 -20.44
N LYS C 115 26.44 6.16 -19.78
CA LYS C 115 26.35 5.89 -18.34
C LYS C 115 25.70 7.04 -17.58
N ASN C 116 25.73 8.26 -18.11
CA ASN C 116 25.16 9.41 -17.41
C ASN C 116 23.63 9.50 -17.55
N TYR C 117 23.03 8.59 -18.30
CA TYR C 117 21.56 8.56 -18.43
C TYR C 117 20.98 7.25 -17.89
N PRO C 118 20.62 7.26 -16.57
CA PRO C 118 20.06 6.11 -15.90
C PRO C 118 19.01 5.40 -16.72
N MET C 119 18.13 6.15 -17.38
CA MET C 119 17.01 5.58 -18.11
C MET C 119 17.35 5.17 -19.54
N ARG C 120 18.61 5.35 -19.97
CA ARG C 120 19.00 4.87 -21.30
C ARG C 120 20.01 3.77 -21.29
N VAL C 121 20.56 3.49 -20.11
CA VAL C 121 21.44 2.33 -19.88
C VAL C 121 20.80 1.01 -20.37
N LYS C 122 19.53 0.80 -20.03
CA LYS C 122 18.79 -0.38 -20.46
C LYS C 122 18.87 -0.50 -21.98
N CYS C 123 18.66 0.61 -22.69
CA CYS C 123 18.73 0.60 -24.15
C CYS C 123 20.12 0.16 -24.62
N PHE C 124 21.17 0.66 -23.98
CA PHE C 124 22.52 0.21 -24.37
C PHE C 124 22.77 -1.28 -24.07
N LEU C 125 22.35 -1.71 -22.88
CA LEU C 125 22.70 -3.05 -22.41
C LEU C 125 21.92 -4.15 -23.11
N LEU C 126 20.66 -3.89 -23.47
CA LEU C 126 19.77 -4.88 -24.08
C LEU C 126 20.48 -5.92 -24.94
N PRO C 127 21.22 -5.51 -25.97
CA PRO C 127 21.84 -6.54 -26.80
C PRO C 127 22.91 -7.38 -26.03
N TRP C 128 23.70 -6.71 -25.19
CA TRP C 128 24.71 -7.36 -24.34
C TRP C 128 24.16 -8.37 -23.33
N LYS C 129 23.12 -7.99 -22.58
CA LYS C 129 22.45 -8.90 -21.64
C LYS C 129 21.77 -10.08 -22.35
N THR C 130 21.39 -9.86 -23.61
CA THR C 130 20.84 -10.90 -24.49
C THR C 130 21.93 -11.86 -24.98
N LEU C 131 23.09 -11.30 -25.33
CA LEU C 131 24.31 -12.05 -25.72
C LEU C 131 24.86 -12.88 -24.57
N GLU C 132 24.72 -12.36 -23.35
CA GLU C 132 25.11 -13.08 -22.16
C GLU C 132 24.26 -14.36 -22.06
N ILE C 133 22.95 -14.18 -21.93
CA ILE C 133 22.01 -15.31 -21.83
C ILE C 133 22.13 -16.27 -23.03
N ALA C 134 22.34 -15.75 -24.24
CA ALA C 134 22.57 -16.61 -25.41
C ALA C 134 23.79 -17.54 -25.33
N LEU C 135 24.72 -17.34 -24.40
CA LEU C 135 25.97 -18.14 -24.42
C LEU C 135 26.30 -18.90 -23.13
N LYS C 136 25.28 -19.42 -22.44
CA LYS C 136 25.44 -20.11 -21.15
C LYS C 136 24.58 -21.35 -21.04
N MET D 4 -14.30 15.00 34.79
CA MET D 4 -14.99 15.64 33.61
C MET D 4 -15.98 14.66 32.98
N ILE D 5 -15.48 13.68 32.20
CA ILE D 5 -16.36 12.68 31.59
C ILE D 5 -16.95 11.80 32.70
N TYR D 6 -16.20 11.65 33.79
CA TYR D 6 -16.57 10.77 34.91
C TYR D 6 -17.43 11.45 36.02
N SER D 7 -18.67 11.78 35.65
CA SER D 7 -19.67 12.29 36.59
C SER D 7 -20.05 11.24 37.65
N GLU D 8 -20.75 11.70 38.69
CA GLU D 8 -21.26 10.86 39.79
C GLU D 8 -22.30 9.87 39.27
N PHE D 9 -23.11 10.35 38.33
CA PHE D 9 -24.15 9.55 37.68
C PHE D 9 -23.56 8.31 36.96
N ILE D 10 -22.53 8.54 36.14
CA ILE D 10 -21.85 7.49 35.39
C ILE D 10 -21.15 6.48 36.29
N MET D 11 -20.35 6.96 37.25
CA MET D 11 -19.67 6.06 38.18
C MET D 11 -20.65 5.17 38.95
N ASP D 12 -21.79 5.73 39.36
CA ASP D 12 -22.82 4.96 40.10
C ASP D 12 -23.38 3.79 39.28
N TYR D 13 -23.72 4.10 38.02
CA TYR D 13 -24.30 3.11 37.09
C TYR D 13 -23.28 2.07 36.62
N SER D 14 -21.99 2.44 36.60
CA SER D 14 -20.92 1.47 36.31
C SER D 14 -20.85 0.40 37.41
N LYS D 15 -21.05 0.82 38.66
CA LYS D 15 -20.95 -0.10 39.79
C LYS D 15 -22.18 -0.96 40.00
N LEU D 16 -23.33 -0.51 39.48
CA LEU D 16 -24.60 -1.19 39.74
C LEU D 16 -24.56 -2.67 39.39
N LYS D 17 -25.02 -3.50 40.32
CA LYS D 17 -24.91 -4.96 40.16
C LYS D 17 -26.24 -5.65 39.85
N LYS D 18 -27.32 -4.88 39.81
CA LYS D 18 -28.67 -5.43 39.65
C LYS D 18 -28.91 -6.21 38.36
N PHE D 19 -28.19 -5.90 37.29
CA PHE D 19 -28.48 -6.55 36.01
C PHE D 19 -27.43 -7.55 35.54
N HIS D 20 -26.32 -7.72 36.25
CA HIS D 20 -25.33 -8.73 35.84
C HIS D 20 -25.93 -10.13 35.93
N GLY D 21 -25.60 -10.98 34.97
CA GLY D 21 -25.98 -12.38 35.03
C GLY D 21 -26.28 -12.97 33.68
N LYS D 22 -26.46 -14.28 33.67
CA LYS D 22 -27.10 -14.97 32.55
C LYS D 22 -28.57 -15.10 32.90
N ILE D 23 -29.42 -15.21 31.88
CA ILE D 23 -30.75 -15.78 32.06
C ILE D 23 -30.66 -17.16 31.45
N GLU D 24 -30.88 -18.20 32.27
CA GLU D 24 -30.87 -19.59 31.77
C GLU D 24 -32.11 -19.82 30.87
N ASN D 25 -31.86 -20.45 29.72
CA ASN D 25 -32.87 -20.62 28.68
C ASN D 25 -33.58 -19.30 28.33
N ALA D 26 -32.78 -18.29 28.00
CA ALA D 26 -33.29 -16.98 27.60
C ALA D 26 -33.92 -17.09 26.21
N HIS D 27 -34.89 -16.23 25.93
CA HIS D 27 -35.52 -16.20 24.61
C HIS D 27 -34.55 -15.76 23.51
N LYS D 28 -33.73 -14.74 23.82
CA LYS D 28 -32.68 -14.21 22.92
C LYS D 28 -31.35 -13.95 23.67
N VAL D 29 -30.29 -14.63 23.21
CA VAL D 29 -28.93 -14.39 23.70
C VAL D 29 -28.18 -13.67 22.58
N GLU D 30 -27.82 -12.40 22.77
CA GLU D 30 -27.05 -11.64 21.79
C GLU D 30 -25.67 -11.21 22.33
N GLU D 31 -24.63 -11.90 21.84
CA GLU D 31 -23.25 -11.54 22.09
C GLU D 31 -22.93 -10.28 21.29
N GLY D 32 -22.37 -9.28 21.96
CA GLY D 32 -22.01 -8.01 21.33
C GLY D 32 -20.66 -8.14 20.66
N LYS D 33 -20.48 -7.41 19.56
CA LYS D 33 -19.28 -7.52 18.72
C LYS D 33 -18.14 -6.67 19.26
N ASN D 34 -16.90 -7.07 18.94
CA ASN D 34 -15.70 -6.38 19.37
C ASN D 34 -15.54 -5.03 18.65
N LEU D 35 -16.56 -4.17 18.71
CA LEU D 35 -16.52 -2.86 18.04
C LEU D 35 -16.06 -1.76 19.00
N SER D 36 -15.51 -2.15 20.17
CA SER D 36 -15.11 -1.23 21.23
C SER D 36 -14.01 -1.83 22.12
N CSS D 37 -12.92 -2.23 21.48
CA CSS D 37 -11.89 -3.14 22.06
CB CSS D 37 -10.65 -2.39 22.60
SG CSS D 37 -9.31 -2.54 21.43
SD CSS D 37 -9.38 -4.47 20.74
C CSS D 37 -12.48 -4.17 22.99
O CSS D 37 -13.49 -4.79 22.64
N GLY D 38 -11.89 -4.38 24.17
CA GLY D 38 -12.35 -5.46 25.05
C GLY D 38 -13.52 -5.14 25.96
N ASP D 39 -14.38 -4.21 25.53
CA ASP D 39 -15.70 -4.03 26.15
C ASP D 39 -16.55 -5.20 25.64
N GLU D 40 -17.00 -6.02 26.56
CA GLU D 40 -17.85 -7.17 26.28
C GLU D 40 -19.24 -6.91 26.82
N VAL D 41 -20.22 -7.12 25.97
CA VAL D 41 -21.58 -7.17 26.42
C VAL D 41 -22.23 -8.34 25.70
N THR D 42 -22.69 -9.32 26.47
CA THR D 42 -23.63 -10.31 25.96
C THR D 42 -24.96 -10.05 26.67
N LEU D 43 -25.97 -9.62 25.90
CA LEU D 43 -27.30 -9.40 26.41
C LEU D 43 -28.16 -10.69 26.41
N TYR D 44 -28.94 -10.91 27.49
CA TYR D 44 -29.90 -12.02 27.61
C TYR D 44 -31.31 -11.43 27.83
N PHE D 45 -32.28 -11.86 27.01
CA PHE D 45 -33.64 -11.30 27.04
C PHE D 45 -34.77 -12.30 27.41
N LEU D 46 -35.77 -11.82 28.14
CA LEU D 46 -37.09 -12.47 28.23
C LEU D 46 -38.13 -11.52 27.69
N PHE D 47 -39.15 -12.05 27.04
CA PHE D 47 -40.08 -11.21 26.29
C PHE D 47 -41.56 -11.36 26.72
N ASP D 48 -42.29 -12.29 26.13
CA ASP D 48 -43.78 -12.23 26.12
C ASP D 48 -44.27 -11.19 25.12
N GLY D 49 -44.37 -11.61 23.87
CA GLY D 49 -44.88 -10.75 22.81
C GLY D 49 -43.88 -9.65 22.53
N ASP D 50 -44.30 -8.43 22.77
CA ASP D 50 -43.45 -7.28 22.51
C ASP D 50 -42.84 -6.68 23.78
N LYS D 51 -43.51 -6.83 24.92
CA LYS D 51 -42.94 -6.42 26.20
C LYS D 51 -41.57 -7.08 26.43
N ILE D 52 -40.65 -6.35 27.06
CA ILE D 52 -39.38 -6.89 27.57
C ILE D 52 -39.53 -7.05 29.08
N VAL D 53 -39.77 -8.27 29.54
CA VAL D 53 -39.97 -8.52 30.96
C VAL D 53 -38.66 -8.29 31.72
N ASP D 54 -37.66 -9.09 31.39
CA ASP D 54 -36.35 -8.99 32.01
C ASP D 54 -35.32 -8.82 30.91
N VAL D 55 -34.16 -8.28 31.32
CA VAL D 55 -32.90 -8.30 30.56
C VAL D 55 -31.71 -8.41 31.52
N LYS D 56 -30.79 -9.29 31.20
CA LYS D 56 -29.55 -9.49 31.96
C LYS D 56 -28.37 -9.25 31.02
N PHE D 57 -27.21 -8.99 31.58
CA PHE D 57 -26.00 -8.87 30.76
C PHE D 57 -24.77 -9.34 31.48
N GLU D 58 -23.83 -9.84 30.68
CA GLU D 58 -22.57 -10.35 31.18
C GLU D 58 -21.46 -9.73 30.33
N GLY D 59 -20.28 -9.54 30.93
CA GLY D 59 -19.09 -9.03 30.24
C GLY D 59 -18.21 -8.02 31.01
N HIS D 60 -16.91 -8.02 30.70
CA HIS D 60 -15.99 -7.01 31.24
C HIS D 60 -16.07 -5.72 30.41
N GLY D 61 -16.06 -4.59 31.07
CA GLY D 61 -16.10 -3.33 30.36
C GLY D 61 -15.72 -2.13 31.18
N CYS D 62 -15.42 -1.03 30.49
CA CYS D 62 -14.99 0.19 31.13
C CYS D 62 -16.20 0.86 31.77
N ALA D 63 -15.98 1.87 32.59
CA ALA D 63 -17.08 2.51 33.32
C ALA D 63 -18.13 3.11 32.39
N ILE D 64 -17.69 3.70 31.29
CA ILE D 64 -18.65 4.28 30.34
C ILE D 64 -19.54 3.19 29.72
N SER D 65 -18.97 2.05 29.40
CA SER D 65 -19.69 0.95 28.77
C SER D 65 -20.63 0.23 29.75
N GLN D 66 -20.20 0.07 30.99
CA GLN D 66 -20.98 -0.64 31.99
C GLN D 66 -22.14 0.24 32.38
N ALA D 67 -21.89 1.54 32.57
CA ALA D 67 -22.94 2.49 32.94
C ALA D 67 -24.01 2.56 31.87
N SER D 68 -23.57 2.75 30.63
CA SER D 68 -24.46 2.83 29.49
C SER D 68 -25.31 1.56 29.30
N THR D 69 -24.75 0.41 29.63
CA THR D 69 -25.46 -0.86 29.55
C THR D 69 -26.53 -0.92 30.65
N ASN D 70 -26.14 -0.61 31.88
CA ASN D 70 -27.07 -0.63 33.04
C ASN D 70 -28.19 0.38 32.85
N VAL D 71 -27.88 1.54 32.33
CA VAL D 71 -28.89 2.57 32.05
C VAL D 71 -29.82 2.12 30.88
N MET D 72 -29.22 1.58 29.81
CA MET D 72 -30.01 1.11 28.70
C MET D 72 -31.00 0.07 29.22
N ILE D 73 -30.50 -0.84 30.04
CA ILE D 73 -31.32 -1.91 30.60
C ILE D 73 -32.44 -1.41 31.48
N GLU D 74 -32.15 -0.46 32.37
CA GLU D 74 -33.19 0.13 33.20
C GLU D 74 -34.32 0.71 32.33
N GLN D 75 -33.96 1.44 31.29
CA GLN D 75 -34.94 2.19 30.49
C GLN D 75 -35.72 1.32 29.50
N ILE D 76 -35.27 0.08 29.28
CA ILE D 76 -36.02 -0.82 28.40
C ILE D 76 -36.77 -1.95 29.14
N ILE D 77 -36.48 -2.20 30.43
CA ILE D 77 -37.20 -3.27 31.16
C ILE D 77 -38.68 -2.86 31.38
N GLY D 78 -39.59 -3.74 30.98
CA GLY D 78 -41.02 -3.47 31.01
C GLY D 78 -41.51 -2.63 29.84
N LYS D 79 -40.58 -2.17 29.00
CA LYS D 79 -40.93 -1.37 27.83
C LYS D 79 -40.92 -2.32 26.62
N THR D 80 -41.40 -1.87 25.46
CA THR D 80 -41.64 -2.73 24.29
C THR D 80 -40.47 -2.74 23.28
N LYS D 81 -40.39 -3.81 22.46
CA LYS D 81 -39.33 -3.95 21.43
C LYS D 81 -39.29 -2.78 20.46
N GLN D 82 -40.47 -2.34 20.03
CA GLN D 82 -40.54 -1.36 18.97
C GLN D 82 -40.03 0.00 19.48
N GLU D 83 -40.37 0.34 20.73
CA GLU D 83 -39.99 1.63 21.27
C GLU D 83 -38.51 1.63 21.70
N ALA D 84 -38.04 0.49 22.20
CA ALA D 84 -36.61 0.25 22.46
C ALA D 84 -35.68 0.57 21.26
N LEU D 85 -36.14 0.28 20.04
CA LEU D 85 -35.37 0.56 18.83
C LEU D 85 -35.36 2.02 18.44
N GLU D 86 -36.43 2.76 18.76
CA GLU D 86 -36.42 4.21 18.50
C GLU D 86 -35.65 4.90 19.62
N MET D 87 -35.65 4.32 20.82
CA MET D 87 -34.84 4.84 21.93
C MET D 87 -33.34 4.74 21.62
N MET D 88 -32.94 3.66 20.95
CA MET D 88 -31.54 3.44 20.54
C MET D 88 -31.11 4.33 19.34
N LYS D 89 -32.04 4.63 18.44
CA LYS D 89 -31.80 5.56 17.34
C LYS D 89 -31.51 6.96 17.89
N ASN D 90 -32.20 7.31 18.96
CA ASN D 90 -32.04 8.62 19.61
C ASN D 90 -30.76 8.67 20.46
N ALA D 91 -30.41 7.54 21.07
CA ALA D 91 -29.15 7.42 21.81
C ALA D 91 -27.99 7.50 20.83
N GLU D 92 -28.15 6.86 19.68
CA GLU D 92 -27.17 6.94 18.61
C GLU D 92 -27.07 8.36 18.06
N ASN D 93 -28.21 8.99 17.78
CA ASN D 93 -28.19 10.35 17.21
C ASN D 93 -27.53 11.36 18.16
N MET D 94 -27.80 11.24 19.45
CA MET D 94 -27.18 12.10 20.46
C MET D 94 -25.64 12.15 20.35
N MET D 95 -25.03 11.01 20.06
CA MET D 95 -23.57 10.89 19.95
C MET D 95 -23.02 11.39 18.62
N LEU D 96 -23.73 11.14 17.52
CA LEU D 96 -23.25 11.54 16.20
C LEU D 96 -23.61 12.98 15.86
N GLY D 97 -23.83 13.82 16.89
CA GLY D 97 -24.09 15.25 16.70
C GLY D 97 -25.32 15.61 15.90
N LYS D 98 -26.32 14.72 15.87
CA LYS D 98 -27.52 14.92 15.06
C LYS D 98 -28.67 15.44 15.91
N GLU D 99 -29.80 15.71 15.25
CA GLU D 99 -31.07 16.05 15.90
C GLU D 99 -31.58 14.79 16.60
N PHE D 100 -32.21 14.95 17.76
CA PHE D 100 -32.64 13.78 18.55
C PHE D 100 -33.76 14.06 19.58
N ASP D 101 -33.56 15.10 20.38
CA ASP D 101 -34.50 15.51 21.44
C ASP D 101 -34.68 14.51 22.59
N GLU D 102 -34.88 15.07 23.78
CA GLU D 102 -34.64 14.40 25.06
C GLU D 102 -35.73 13.41 25.42
N ASN D 103 -36.98 13.88 25.33
CA ASN D 103 -38.20 13.07 25.50
C ASN D 103 -38.01 11.54 25.61
N VAL D 104 -37.48 10.90 24.55
CA VAL D 104 -37.41 9.42 24.47
C VAL D 104 -36.34 8.84 25.39
N LEU D 105 -35.24 9.58 25.52
CA LEU D 105 -34.05 9.12 26.26
C LEU D 105 -34.19 9.18 27.79
N GLY D 106 -34.90 10.18 28.31
CA GLY D 106 -34.94 10.42 29.74
C GLY D 106 -33.53 10.71 30.26
N PRO D 107 -33.01 9.87 31.20
CA PRO D 107 -31.68 10.04 31.79
C PRO D 107 -30.51 9.39 31.00
N ILE D 108 -30.77 8.91 29.78
CA ILE D 108 -29.70 8.56 28.83
C ILE D 108 -29.00 9.86 28.39
N ILE D 109 -29.65 11.00 28.65
CA ILE D 109 -29.12 12.35 28.38
C ILE D 109 -27.86 12.69 29.19
N ASN D 110 -27.65 12.04 30.34
CA ASN D 110 -26.48 12.32 31.20
C ASN D 110 -25.13 11.88 30.57
N PHE D 111 -25.21 10.97 29.58
CA PHE D 111 -24.10 10.54 28.73
C PHE D 111 -23.82 11.52 27.57
N TYR D 112 -24.52 12.63 27.53
CA TYR D 112 -24.32 13.57 26.42
C TYR D 112 -22.86 14.03 26.25
N ASP D 113 -22.17 14.31 27.34
CA ASP D 113 -20.82 14.85 27.23
C ASP D 113 -19.81 13.82 26.64
N VAL D 114 -20.16 12.54 26.67
CA VAL D 114 -19.32 11.49 26.09
C VAL D 114 -18.99 11.75 24.62
N LYS D 115 -19.87 12.46 23.91
CA LYS D 115 -19.65 12.82 22.50
C LYS D 115 -18.39 13.67 22.25
N ASN D 116 -17.94 14.41 23.27
CA ASN D 116 -16.70 15.24 23.15
C ASN D 116 -15.41 14.43 23.29
N TYR D 117 -15.56 13.11 23.37
CA TYR D 117 -14.45 12.21 23.47
C TYR D 117 -14.67 11.18 22.40
N PRO D 118 -14.27 11.52 21.17
CA PRO D 118 -14.59 10.63 20.04
C PRO D 118 -14.20 9.16 20.24
N MET D 119 -13.15 8.84 21.02
CA MET D 119 -12.75 7.46 21.21
C MET D 119 -13.52 6.74 22.34
N ARG D 120 -14.33 7.48 23.10
CA ARG D 120 -15.18 6.88 24.12
C ARG D 120 -16.61 6.66 23.61
N VAL D 121 -16.96 7.28 22.48
CA VAL D 121 -18.26 7.06 21.86
C VAL D 121 -18.57 5.56 21.71
N LYS D 122 -17.63 4.76 21.17
CA LYS D 122 -17.76 3.29 21.04
C LYS D 122 -18.18 2.62 22.37
N CYS D 123 -17.62 3.11 23.46
CA CYS D 123 -17.86 2.52 24.75
C CYS D 123 -19.33 2.71 25.09
N PHE D 124 -19.83 3.92 24.93
CA PHE D 124 -21.28 4.19 25.13
C PHE D 124 -22.23 3.40 24.20
N LEU D 125 -21.89 3.36 22.91
CA LEU D 125 -22.75 2.74 21.89
C LEU D 125 -22.80 1.21 21.88
N LEU D 126 -21.77 0.56 22.41
CA LEU D 126 -21.71 -0.90 22.30
C LEU D 126 -23.02 -1.59 22.72
N PRO D 127 -23.52 -1.30 23.94
CA PRO D 127 -24.79 -1.92 24.42
C PRO D 127 -25.97 -1.72 23.47
N TRP D 128 -26.20 -0.47 23.09
CA TRP D 128 -27.23 -0.12 22.11
C TRP D 128 -27.07 -0.83 20.75
N LYS D 129 -25.87 -0.82 20.17
CA LYS D 129 -25.61 -1.53 18.91
C LYS D 129 -25.93 -3.03 18.98
N THR D 130 -25.74 -3.58 20.17
CA THR D 130 -26.03 -4.97 20.46
C THR D 130 -27.53 -5.19 20.76
N LEU D 131 -28.18 -4.24 21.44
CA LEU D 131 -29.65 -4.22 21.52
C LEU D 131 -30.29 -4.19 20.12
N GLU D 132 -29.71 -3.38 19.21
CA GLU D 132 -30.22 -3.26 17.84
C GLU D 132 -30.14 -4.57 17.07
N ILE D 133 -28.99 -5.22 17.05
CA ILE D 133 -28.86 -6.50 16.34
C ILE D 133 -29.79 -7.54 16.96
N ALA D 134 -29.93 -7.50 18.30
CA ALA D 134 -30.78 -8.44 19.04
C ALA D 134 -32.27 -8.30 18.71
N LEU D 135 -32.72 -7.09 18.40
CA LEU D 135 -34.10 -6.82 18.00
C LEU D 135 -34.22 -6.67 16.46
N LYS D 136 -33.78 -7.72 15.74
CA LYS D 136 -33.76 -7.83 14.26
C LYS D 136 -34.26 -6.59 13.53
N1 PLP E . -5.52 1.34 -14.98
C2 PLP E . -5.41 2.47 -15.68
C2A PLP E . -6.37 2.73 -16.81
C3 PLP E . -4.34 3.43 -15.34
O3 PLP E . -4.18 4.60 -15.99
C4 PLP E . -3.46 3.06 -14.21
C4A PLP E . -2.39 3.97 -13.78
C5 PLP E . -3.68 1.79 -13.53
C6 PLP E . -4.72 0.97 -13.97
C5A PLP E . -2.78 1.39 -12.37
O4P PLP E . -2.55 2.40 -11.40
P PLP E . -1.56 2.09 -10.17
O1P PLP E . -2.17 0.89 -9.49
O2P PLP E . -0.21 1.82 -10.81
O3P PLP E . -1.66 3.27 -9.27
C1 PEG F . 21.79 27.74 -20.06
O1 PEG F . 21.23 27.07 -18.91
C2 PEG F . 21.35 27.12 -21.38
O2 PEG F . 22.28 26.13 -21.81
C3 PEG F . 21.97 24.78 -21.42
C4 PEG F . 22.63 23.78 -22.38
O4 PEG F . 22.94 22.57 -21.69
C1 PEG G . -6.82 -8.74 -32.06
O1 PEG G . -7.07 -9.93 -31.32
C2 PEG G . -5.52 -8.90 -32.86
O2 PEG G . -4.40 -8.35 -32.17
C3 PEG G . -3.63 -9.26 -31.34
C4 PEG G . -2.48 -8.46 -30.69
O4 PEG G . -2.27 -8.65 -29.28
N1 PLP H . 3.12 -7.59 13.77
C2 PLP H . 3.57 -7.04 14.90
C2A PLP H . 4.41 -7.86 15.86
C3 PLP H . 3.26 -5.64 15.23
O3 PLP H . 3.72 -5.09 16.38
C4 PLP H . 2.45 -4.90 14.25
C4A PLP H . 2.05 -3.48 14.48
C5 PLP H . 2.02 -5.62 13.04
C6 PLP H . 2.39 -6.95 12.87
C5A PLP H . 1.17 -4.94 12.01
O4P PLP H . 1.88 -4.04 11.15
P PLP H . 1.01 -3.14 10.11
O1P PLP H . 0.70 -4.02 8.93
O2P PLP H . -0.23 -2.75 10.96
O3P PLP H . 1.92 -1.98 9.76
C1 GOL I . 15.47 -8.48 34.47
O1 GOL I . 15.81 -9.17 35.69
C2 GOL I . 15.64 -6.96 34.55
O2 GOL I . 15.43 -6.36 33.27
C3 GOL I . 14.64 -6.33 35.49
O3 GOL I . 15.32 -5.66 36.54
ZN ZN J . 29.57 16.07 -31.42
ZN ZN K . 15.57 2.27 -26.01
ZN ZN L . -14.55 1.18 26.77
#